data_8U2X
#
_entry.id   8U2X
#
_cell.length_a   151.372
_cell.length_b   151.372
_cell.length_c   108.745
_cell.angle_alpha   90.00
_cell.angle_beta   90.00
_cell.angle_gamma   120.00
#
_symmetry.space_group_name_H-M   'P 63'
#
loop_
_entity.id
_entity.type
_entity.pdbx_description
1 polymer 'Uridylate-specific endoribonuclease nsp15'
2 non-polymer 2-AMINO-2-HYDROXYMETHYL-PROPANE-1,3-DIOL
3 non-polymer 'CHLORIDE ION'
4 water water
#
_entity_poly.entity_id   1
_entity_poly.type   'polypeptide(L)'
_entity_poly.pdbx_seq_one_letter_code
;MGSSHHHHHHSSGENLYFQGHMSLENVAFNVVNKGHFDGQQGEVPVSIINNTVYTKVDGVDVELFENKTTLPVNVAFELW
AKRNIKPVPEVKILNNLGVDIAANTVIWDYKRDAPAHISTIGVCSMTDIAKKPTETICAPLTVFFDGRVDGQVDLFRNAR
NGVLITEGSVKGLQPSVGPKQASLNGVTLIGEAVKTQFNYYKKVDGVVQQLPETYFTQSRNLQEFKPRSQMEIDFLELAM
DEFIERYKLEGYAFEAIVYGDFSHSQLGGLHLLIGLAKRFKESPFELEDFIPMDSTVKNYFITDAQTGSSKCVCSVIDLL
LDDFVEIIKSQDLSVVSKVVKVTIDYTEISFMLWCKDGHVETFYPKLQ
;
_entity_poly.pdbx_strand_id   A,B
#
loop_
_chem_comp.id
_chem_comp.type
_chem_comp.name
_chem_comp.formula
CL non-polymer 'CHLORIDE ION' 'Cl -1'
TRS non-polymer 2-AMINO-2-HYDROXYMETHYL-PROPANE-1,3-DIOL 'C4 H12 N O3 1'
#
# COMPACT_ATOMS: atom_id res chain seq x y z
N HIS A 21 -23.76 6.01 1.70
CA HIS A 21 -24.00 7.13 0.76
C HIS A 21 -22.82 8.10 0.82
N MET A 22 -21.63 7.56 0.57
CA MET A 22 -20.38 8.30 0.64
C MET A 22 -20.13 9.14 -0.61
N SER A 23 -19.52 10.31 -0.41
CA SER A 23 -19.26 11.23 -1.50
C SER A 23 -18.31 12.32 -1.08
N LEU A 24 -17.44 12.74 -2.01
CA LEU A 24 -16.53 13.85 -1.77
C LEU A 24 -17.28 15.07 -1.23
N GLU A 25 -18.37 15.46 -1.90
CA GLU A 25 -19.09 16.66 -1.49
C GLU A 25 -19.67 16.52 -0.09
N ASN A 26 -20.06 15.30 0.31
CA ASN A 26 -20.60 15.10 1.66
C ASN A 26 -19.50 15.07 2.72
N VAL A 27 -18.33 14.53 2.40
CA VAL A 27 -17.20 14.63 3.33
C VAL A 27 -16.89 16.09 3.59
N ALA A 28 -16.81 16.90 2.53
CA ALA A 28 -16.56 18.34 2.66
C ALA A 28 -17.65 19.04 3.46
N PHE A 29 -18.92 18.67 3.26
CA PHE A 29 -19.98 19.28 4.07
C PHE A 29 -19.73 19.04 5.55
N ASN A 30 -19.30 17.83 5.90
CA ASN A 30 -19.03 17.51 7.30
C ASN A 30 -17.85 18.31 7.82
N VAL A 31 -16.78 18.43 7.01
CA VAL A 31 -15.61 19.17 7.49
C VAL A 31 -15.99 20.63 7.74
N VAL A 32 -16.73 21.25 6.82
CA VAL A 32 -17.11 22.65 6.96
C VAL A 32 -18.02 22.85 8.16
N ASN A 33 -18.98 21.94 8.38
CA ASN A 33 -20.00 22.15 9.40
C ASN A 33 -19.73 21.46 10.73
N LYS A 34 -18.84 20.48 10.79
CA LYS A 34 -18.62 19.72 12.03
C LYS A 34 -17.16 19.64 12.43
N GLY A 35 -16.23 20.13 11.60
CA GLY A 35 -14.81 20.05 11.87
C GLY A 35 -14.18 18.74 11.43
N HIS A 36 -14.98 17.76 11.06
CA HIS A 36 -14.53 16.42 10.73
C HIS A 36 -15.74 15.63 10.24
N PHE A 37 -15.52 14.40 9.84
CA PHE A 37 -16.62 13.60 9.31
C PHE A 37 -17.42 13.08 10.49
N ASP A 38 -18.71 13.40 10.50
CA ASP A 38 -19.63 13.02 11.58
C ASP A 38 -20.81 12.22 11.04
N GLY A 39 -20.80 11.84 9.77
CA GLY A 39 -21.94 11.15 9.22
C GLY A 39 -23.19 11.99 9.02
N GLN A 40 -23.06 13.31 8.94
CA GLN A 40 -24.22 14.15 8.66
C GLN A 40 -24.50 14.22 7.16
N GLN A 41 -25.77 14.43 6.83
CA GLN A 41 -26.19 14.59 5.45
C GLN A 41 -25.97 16.02 4.98
N GLY A 42 -25.59 16.15 3.73
CA GLY A 42 -25.39 17.47 3.15
C GLY A 42 -24.28 17.45 2.13
N GLU A 43 -24.28 18.47 1.28
CA GLU A 43 -23.26 18.65 0.27
C GLU A 43 -22.85 20.11 0.23
N VAL A 44 -21.58 20.36 -0.10
CA VAL A 44 -21.08 21.68 -0.47
C VAL A 44 -20.29 21.56 -1.75
N PRO A 45 -20.16 22.64 -2.53
CA PRO A 45 -19.38 22.57 -3.77
C PRO A 45 -17.90 22.42 -3.51
N VAL A 46 -17.24 21.54 -4.26
CA VAL A 46 -15.83 21.21 -4.05
C VAL A 46 -15.05 21.30 -5.36
N SER A 47 -13.86 21.88 -5.27
CA SER A 47 -12.87 21.92 -6.36
C SER A 47 -11.60 21.18 -5.91
N ILE A 48 -10.99 20.41 -6.80
N ILE A 48 -10.99 20.45 -6.85
CA ILE A 48 -9.71 19.81 -6.49
CA ILE A 48 -9.68 19.83 -6.64
C ILE A 48 -8.73 20.18 -7.58
C ILE A 48 -8.71 20.43 -7.63
N ILE A 49 -7.57 20.68 -7.17
N ILE A 49 -7.64 21.05 -7.11
CA ILE A 49 -6.59 21.11 -8.16
CA ILE A 49 -6.53 21.51 -7.92
C ILE A 49 -5.20 20.81 -7.63
C ILE A 49 -5.25 21.09 -7.23
N ASN A 50 -4.64 21.69 -6.79
N ASN A 50 -4.28 20.64 -8.03
CA ASN A 50 -3.19 21.71 -6.55
CA ASN A 50 -3.06 19.98 -7.56
C ASN A 50 -2.78 20.73 -5.46
C ASN A 50 -3.47 18.91 -6.54
N ASN A 51 -3.15 19.47 -5.67
N ASN A 51 -2.84 18.90 -5.36
CA ASN A 51 -3.05 18.46 -4.63
CA ASN A 51 -3.17 18.03 -4.24
C ASN A 51 -3.72 18.99 -3.37
C ASN A 51 -4.00 18.77 -3.19
N THR A 52 -4.82 19.72 -3.59
CA THR A 52 -5.53 20.52 -2.61
C THR A 52 -7.03 20.46 -2.85
N VAL A 53 -7.79 20.37 -1.76
CA VAL A 53 -9.25 20.37 -1.79
C VAL A 53 -9.74 21.74 -1.34
N TYR A 54 -10.57 22.37 -2.18
CA TYR A 54 -11.21 23.65 -1.88
C TYR A 54 -12.71 23.46 -1.82
N THR A 55 -13.38 24.39 -1.15
CA THR A 55 -14.83 24.47 -1.22
C THR A 55 -15.24 25.91 -1.47
N LYS A 56 -16.41 26.07 -2.09
CA LYS A 56 -16.86 27.39 -2.48
C LYS A 56 -17.73 28.01 -1.39
N VAL A 57 -17.39 29.23 -0.97
CA VAL A 57 -18.07 29.92 0.12
C VAL A 57 -18.33 31.35 -0.35
N ASP A 58 -19.60 31.76 -0.40
CA ASP A 58 -19.92 33.12 -0.83
C ASP A 58 -19.23 33.47 -2.13
N GLY A 59 -19.07 32.48 -3.01
CA GLY A 59 -18.51 32.74 -4.32
C GLY A 59 -17.01 32.62 -4.45
N VAL A 60 -16.27 32.32 -3.39
CA VAL A 60 -14.82 32.19 -3.52
C VAL A 60 -14.39 30.85 -2.96
N ASP A 61 -13.28 30.34 -3.49
CA ASP A 61 -12.71 29.07 -3.08
C ASP A 61 -11.94 29.19 -1.77
N VAL A 62 -12.19 28.27 -0.87
CA VAL A 62 -11.50 28.23 0.42
C VAL A 62 -10.83 26.87 0.56
N GLU A 63 -9.57 26.88 0.95
CA GLU A 63 -8.82 25.64 1.11
C GLU A 63 -9.29 24.90 2.37
N LEU A 64 -9.69 23.63 2.20
CA LEU A 64 -10.03 22.71 3.29
C LEU A 64 -8.95 21.67 3.59
N PHE A 65 -8.12 21.31 2.62
CA PHE A 65 -7.19 20.21 2.86
C PHE A 65 -6.09 20.26 1.82
N GLU A 66 -4.86 20.21 2.29
CA GLU A 66 -3.69 20.05 1.44
C GLU A 66 -3.16 18.65 1.65
N ASN A 67 -3.10 17.87 0.57
CA ASN A 67 -2.64 16.50 0.64
C ASN A 67 -1.12 16.47 0.73
N LYS A 68 -0.57 15.99 1.86
CA LYS A 68 0.86 15.74 1.99
C LYS A 68 1.18 14.24 1.99
N THR A 69 0.22 13.39 1.69
CA THR A 69 0.41 11.95 1.68
C THR A 69 0.75 11.47 0.28
N THR A 70 1.06 10.19 0.17
CA THR A 70 1.30 9.56 -1.11
C THR A 70 0.04 8.94 -1.73
N LEU A 71 -1.11 9.19 -1.12
CA LEU A 71 -2.41 8.74 -1.59
C LEU A 71 -3.03 9.80 -2.51
N PRO A 72 -4.04 9.43 -3.30
CA PRO A 72 -4.74 10.45 -4.07
C PRO A 72 -5.40 11.50 -3.18
N VAL A 73 -5.45 12.73 -3.70
CA VAL A 73 -5.87 13.86 -2.87
C VAL A 73 -7.24 13.60 -2.23
N ASN A 74 -8.20 13.10 -3.03
CA ASN A 74 -9.56 12.97 -2.48
C ASN A 74 -9.64 11.82 -1.48
N VAL A 75 -8.82 10.79 -1.67
CA VAL A 75 -8.76 9.68 -0.72
C VAL A 75 -8.14 10.16 0.59
N ALA A 76 -7.00 10.86 0.52
CA ALA A 76 -6.37 11.36 1.74
C ALA A 76 -7.32 12.26 2.50
N PHE A 77 -8.07 13.10 1.77
CA PHE A 77 -9.04 14.01 2.39
C PHE A 77 -10.05 13.24 3.20
N GLU A 78 -10.58 12.17 2.63
CA GLU A 78 -11.62 11.43 3.33
C GLU A 78 -11.06 10.74 4.58
N LEU A 79 -9.87 10.17 4.49
CA LEU A 79 -9.30 9.49 5.65
C LEU A 79 -8.96 10.49 6.75
N TRP A 80 -8.41 11.64 6.38
CA TRP A 80 -8.17 12.68 7.37
C TRP A 80 -9.48 13.08 8.04
N ALA A 81 -10.52 13.31 7.23
CA ALA A 81 -11.82 13.69 7.77
C ALA A 81 -12.35 12.64 8.73
N LYS A 82 -12.06 11.35 8.46
CA LYS A 82 -12.58 10.25 9.27
C LYS A 82 -11.62 9.83 10.36
N ARG A 83 -10.64 10.68 10.69
CA ARG A 83 -9.64 10.32 11.70
C ARG A 83 -10.30 10.17 13.07
N ASN A 84 -9.66 9.37 13.90
CA ASN A 84 -10.08 9.22 15.27
C ASN A 84 -9.75 10.51 16.01
N ILE A 85 -10.75 11.12 16.63
CA ILE A 85 -10.62 12.36 17.36
C ILE A 85 -10.74 12.12 18.87
N LYS A 86 -10.59 10.89 19.32
CA LYS A 86 -10.42 10.62 20.73
C LYS A 86 -8.95 10.38 21.02
N PRO A 87 -8.54 10.38 22.29
CA PRO A 87 -7.16 10.02 22.61
C PRO A 87 -6.86 8.62 22.13
N VAL A 88 -5.76 8.48 21.40
CA VAL A 88 -5.37 7.18 20.85
C VAL A 88 -3.89 6.98 21.11
N PRO A 89 -3.43 5.72 21.07
CA PRO A 89 -2.01 5.45 21.21
C PRO A 89 -1.22 6.27 20.22
N GLU A 90 -0.04 6.72 20.67
CA GLU A 90 0.90 7.37 19.76
C GLU A 90 1.36 6.37 18.71
N VAL A 91 1.60 6.87 17.50
CA VAL A 91 1.88 5.97 16.39
C VAL A 91 3.11 5.10 16.68
N LYS A 92 4.14 5.65 17.31
CA LYS A 92 5.34 4.86 17.57
C LYS A 92 5.02 3.62 18.41
N ILE A 93 4.08 3.75 19.34
CA ILE A 93 3.67 2.59 20.14
C ILE A 93 3.04 1.54 19.23
N LEU A 94 2.10 1.96 18.38
CA LEU A 94 1.42 1.03 17.50
C LEU A 94 2.41 0.37 16.58
N ASN A 95 3.36 1.15 16.05
CA ASN A 95 4.38 0.59 15.19
C ASN A 95 5.21 -0.45 15.94
N ASN A 96 5.59 -0.12 17.18
CA ASN A 96 6.48 -1.01 17.90
C ASN A 96 5.79 -2.33 18.20
N LEU A 97 4.48 -2.31 18.39
CA LEU A 97 3.70 -3.52 18.60
C LEU A 97 3.33 -4.23 17.31
N GLY A 98 3.77 -3.75 16.14
CA GLY A 98 3.49 -4.45 14.90
C GLY A 98 2.10 -4.25 14.32
N VAL A 99 1.40 -3.18 14.69
CA VAL A 99 0.07 -2.95 14.16
C VAL A 99 0.13 -2.63 12.66
N ASP A 100 -0.69 -3.32 11.87
CA ASP A 100 -0.75 -3.11 10.43
C ASP A 100 -1.94 -2.27 9.99
N ILE A 101 -3.02 -2.25 10.78
CA ILE A 101 -4.29 -1.74 10.30
C ILE A 101 -5.19 -1.57 11.50
N ALA A 102 -6.17 -0.69 11.40
CA ALA A 102 -7.09 -0.40 12.49
C ALA A 102 -8.48 -0.89 12.13
N ALA A 103 -9.21 -1.36 13.15
CA ALA A 103 -10.58 -1.81 12.97
C ALA A 103 -11.52 -0.60 12.99
N ASN A 104 -12.03 -0.23 11.81
CA ASN A 104 -13.18 0.68 11.69
C ASN A 104 -12.92 2.08 12.22
N THR A 105 -11.69 2.56 11.99
CA THR A 105 -11.28 3.89 12.33
C THR A 105 -10.01 4.18 11.53
N VAL A 106 -9.58 5.44 11.61
CA VAL A 106 -8.33 5.89 11.01
C VAL A 106 -7.49 6.46 12.11
N ILE A 107 -6.29 5.94 12.31
CA ILE A 107 -5.32 6.58 13.19
C ILE A 107 -4.53 7.54 12.32
N TRP A 108 -4.74 8.84 12.52
CA TRP A 108 -4.04 9.81 11.69
C TRP A 108 -2.67 10.05 12.30
N ASP A 109 -1.64 10.00 11.46
CA ASP A 109 -0.25 10.19 11.87
C ASP A 109 0.12 11.66 11.67
N TYR A 110 0.04 12.43 12.76
CA TYR A 110 0.28 13.86 12.69
C TYR A 110 1.75 14.22 12.50
N LYS A 111 2.68 13.32 12.85
CA LYS A 111 4.06 13.67 12.55
C LYS A 111 4.40 13.50 11.08
N ARG A 112 3.73 12.59 10.37
CA ARG A 112 3.89 12.46 8.94
C ARG A 112 2.82 13.23 8.16
N ASP A 113 1.76 13.71 8.81
CA ASP A 113 0.64 14.35 8.11
C ASP A 113 0.00 13.39 7.09
N ALA A 114 -0.26 12.16 7.53
CA ALA A 114 -0.72 11.09 6.65
C ALA A 114 -1.37 10.02 7.52
N PRO A 115 -2.10 9.07 6.91
CA PRO A 115 -2.64 7.96 7.69
C PRO A 115 -1.52 7.11 8.27
N ALA A 116 -1.72 6.63 9.50
CA ALA A 116 -0.71 5.75 10.09
C ALA A 116 -0.61 4.42 9.35
N HIS A 117 -1.69 3.99 8.70
CA HIS A 117 -1.75 2.68 8.06
C HIS A 117 -2.23 2.85 6.63
N ILE A 118 -1.75 1.98 5.76
CA ILE A 118 -2.01 2.21 4.34
C ILE A 118 -3.44 1.83 3.96
N SER A 119 -3.98 0.80 4.58
CA SER A 119 -5.29 0.25 4.27
C SER A 119 -6.21 0.47 5.44
N THR A 120 -7.50 0.25 5.19
CA THR A 120 -8.52 0.47 6.21
C THR A 120 -9.49 -0.71 6.24
N ILE A 121 -10.28 -0.73 7.30
CA ILE A 121 -11.38 -1.69 7.46
C ILE A 121 -12.63 -0.89 7.79
N GLY A 122 -13.59 -0.89 6.87
CA GLY A 122 -14.86 -0.24 7.12
C GLY A 122 -14.82 1.27 7.22
N VAL A 123 -13.93 1.93 6.49
CA VAL A 123 -13.77 3.38 6.57
C VAL A 123 -14.07 4.05 5.24
N CYS A 124 -13.43 3.58 4.17
CA CYS A 124 -13.32 4.33 2.91
C CYS A 124 -13.23 3.32 1.79
N SER A 125 -14.09 3.48 0.76
CA SER A 125 -14.17 2.41 -0.22
C SER A 125 -12.93 2.35 -1.10
N MET A 126 -12.11 3.40 -1.12
CA MET A 126 -10.87 3.44 -1.92
C MET A 126 -9.72 2.73 -1.20
N THR A 127 -9.73 2.65 0.14
CA THR A 127 -8.66 2.03 0.91
C THR A 127 -9.09 0.80 1.69
N ASP A 128 -10.38 0.47 1.73
CA ASP A 128 -10.83 -0.68 2.49
C ASP A 128 -10.34 -1.97 1.85
N ILE A 129 -9.79 -2.88 2.65
CA ILE A 129 -9.61 -4.25 2.23
C ILE A 129 -10.74 -5.12 2.71
N ALA A 130 -11.59 -4.61 3.57
CA ALA A 130 -12.66 -5.35 4.23
C ALA A 130 -13.56 -4.33 4.90
N LYS A 131 -14.79 -4.75 5.18
CA LYS A 131 -15.73 -3.97 5.96
C LYS A 131 -15.67 -4.31 7.44
N LYS A 132 -15.33 -5.55 7.76
CA LYS A 132 -15.24 -5.99 9.14
C LYS A 132 -13.93 -6.74 9.37
N PRO A 133 -13.35 -6.64 10.56
CA PRO A 133 -12.06 -7.31 10.81
C PRO A 133 -12.16 -8.83 10.82
N THR A 134 -13.36 -9.40 10.73
CA THR A 134 -13.50 -10.84 10.68
C THR A 134 -13.26 -11.42 9.28
N GLU A 135 -13.22 -10.60 8.24
CA GLU A 135 -13.03 -11.14 6.90
C GLU A 135 -11.65 -11.79 6.79
N THR A 136 -11.55 -12.75 5.87
CA THR A 136 -10.36 -13.58 5.75
C THR A 136 -9.11 -12.78 5.45
N ILE A 137 -9.22 -11.76 4.59
CA ILE A 137 -8.05 -10.99 4.19
C ILE A 137 -7.31 -10.40 5.39
N CYS A 138 -8.00 -10.23 6.51
CA CYS A 138 -7.41 -9.59 7.69
C CYS A 138 -6.60 -10.54 8.56
N ALA A 139 -6.67 -11.86 8.32
CA ALA A 139 -6.09 -12.80 9.27
C ALA A 139 -4.61 -12.58 9.48
N PRO A 140 -3.78 -12.41 8.45
CA PRO A 140 -2.35 -12.26 8.70
C PRO A 140 -1.97 -10.89 9.24
N LEU A 141 -2.91 -9.93 9.29
CA LEU A 141 -2.62 -8.57 9.71
C LEU A 141 -2.83 -8.39 11.21
N THR A 142 -1.97 -7.61 11.82
CA THR A 142 -2.16 -7.26 13.22
C THR A 142 -3.12 -6.09 13.30
N VAL A 143 -4.35 -6.38 13.67
CA VAL A 143 -5.44 -5.40 13.69
C VAL A 143 -5.46 -4.70 15.03
N PHE A 144 -5.58 -3.37 15.01
CA PHE A 144 -5.74 -2.59 16.23
C PHE A 144 -7.22 -2.48 16.59
N PHE A 145 -7.54 -2.88 17.81
CA PHE A 145 -8.88 -2.89 18.36
C PHE A 145 -8.95 -1.95 19.56
N ASP A 146 -10.05 -1.23 19.68
CA ASP A 146 -10.24 -0.23 20.71
C ASP A 146 -11.40 -0.67 21.62
N GLY A 147 -11.05 -1.14 22.82
CA GLY A 147 -12.07 -1.62 23.73
C GLY A 147 -13.09 -0.57 24.11
N ARG A 148 -12.79 0.70 23.88
CA ARG A 148 -13.79 1.73 24.15
C ARG A 148 -14.93 1.69 23.15
N VAL A 149 -14.79 0.93 22.07
CA VAL A 149 -15.81 0.81 21.04
C VAL A 149 -16.56 -0.49 21.29
N ASP A 150 -17.88 -0.42 21.25
CA ASP A 150 -18.72 -1.58 21.48
C ASP A 150 -18.26 -2.74 20.61
N GLY A 151 -18.02 -3.89 21.26
CA GLY A 151 -17.79 -5.13 20.56
C GLY A 151 -16.37 -5.38 20.10
N GLN A 152 -15.46 -4.43 20.22
CA GLN A 152 -14.12 -4.67 19.68
C GLN A 152 -13.29 -5.58 20.58
N VAL A 153 -13.55 -5.60 21.90
CA VAL A 153 -12.90 -6.59 22.75
C VAL A 153 -13.18 -8.00 22.24
N ASP A 154 -14.45 -8.31 21.98
CA ASP A 154 -14.81 -9.63 21.49
C ASP A 154 -14.23 -9.92 20.11
N LEU A 155 -14.04 -8.89 19.28
CA LEU A 155 -13.39 -9.10 18.01
C LEU A 155 -11.92 -9.43 18.21
N PHE A 156 -11.27 -8.76 19.17
CA PHE A 156 -9.90 -9.13 19.51
C PHE A 156 -9.82 -10.57 19.98
N ARG A 157 -10.78 -11.01 20.80
CA ARG A 157 -10.79 -12.39 21.28
CA ARG A 157 -10.78 -12.38 21.28
C ARG A 157 -10.86 -13.39 20.13
N ASN A 158 -11.53 -13.01 19.04
CA ASN A 158 -11.73 -13.88 17.89
C ASN A 158 -10.67 -13.72 16.81
N ALA A 159 -9.88 -12.66 16.86
CA ALA A 159 -8.91 -12.37 15.81
C ALA A 159 -7.65 -13.20 15.98
N ARG A 160 -7.01 -13.51 14.85
CA ARG A 160 -5.77 -14.26 14.86
C ARG A 160 -4.59 -13.40 15.31
N ASN A 161 -4.51 -12.18 14.79
CA ASN A 161 -3.42 -11.28 15.11
C ASN A 161 -4.04 -9.93 15.45
N GLY A 162 -3.65 -9.36 16.59
CA GLY A 162 -4.21 -8.06 16.94
C GLY A 162 -3.57 -7.43 18.15
N VAL A 163 -3.87 -6.16 18.32
CA VAL A 163 -3.51 -5.40 19.50
C VAL A 163 -4.79 -4.74 19.99
N LEU A 164 -5.00 -4.77 21.30
CA LEU A 164 -6.19 -4.24 21.94
C LEU A 164 -5.77 -3.26 23.02
N ILE A 165 -6.47 -2.14 23.09
CA ILE A 165 -6.40 -1.25 24.24
C ILE A 165 -7.75 -1.23 24.92
N THR A 166 -7.72 -1.01 26.23
CA THR A 166 -8.92 -0.82 27.02
C THR A 166 -8.60 0.20 28.11
N GLU A 167 -9.65 0.77 28.68
CA GLU A 167 -9.48 1.61 29.86
C GLU A 167 -9.47 0.79 31.15
N GLY A 168 -10.16 -0.35 31.18
CA GLY A 168 -10.20 -1.17 32.38
C GLY A 168 -9.74 -2.59 32.12
N SER A 169 -10.10 -3.50 33.02
CA SER A 169 -9.69 -4.89 32.91
C SER A 169 -10.55 -5.63 31.90
N VAL A 170 -9.96 -6.68 31.31
CA VAL A 170 -10.67 -7.59 30.40
C VAL A 170 -10.66 -8.96 31.04
N LYS A 171 -11.83 -9.57 31.21
CA LYS A 171 -11.91 -10.78 32.02
C LYS A 171 -11.08 -11.89 31.37
N GLY A 172 -10.19 -12.50 32.17
CA GLY A 172 -9.33 -13.57 31.73
C GLY A 172 -7.96 -13.16 31.21
N LEU A 173 -7.82 -11.94 30.70
CA LEU A 173 -6.58 -11.48 30.08
C LEU A 173 -5.73 -10.65 31.03
N GLN A 174 -4.44 -11.00 31.12
CA GLN A 174 -3.54 -10.16 31.91
C GLN A 174 -3.13 -8.95 31.10
N PRO A 175 -3.22 -7.75 31.66
CA PRO A 175 -2.89 -6.54 30.91
C PRO A 175 -1.42 -6.15 31.07
N SER A 176 -0.97 -5.33 30.13
CA SER A 176 0.25 -4.54 30.26
C SER A 176 -0.16 -3.08 30.36
N VAL A 177 0.32 -2.41 31.41
CA VAL A 177 0.02 -0.99 31.60
C VAL A 177 0.79 -0.17 30.58
N GLY A 178 0.07 0.61 29.76
CA GLY A 178 0.67 1.40 28.72
C GLY A 178 1.22 2.73 29.23
N PRO A 179 1.70 3.56 28.32
CA PRO A 179 2.17 4.90 28.71
C PRO A 179 1.05 5.73 29.35
N LYS A 180 1.49 6.69 30.16
CA LYS A 180 0.55 7.62 30.76
C LYS A 180 -0.12 8.48 29.71
N GLN A 181 0.59 8.80 28.62
CA GLN A 181 0.15 9.78 27.64
C GLN A 181 -0.45 9.12 26.41
N ALA A 182 -1.31 9.87 25.73
CA ALA A 182 -1.82 9.44 24.45
C ALA A 182 -1.95 10.67 23.57
N SER A 183 -2.39 10.45 22.33
CA SER A 183 -2.46 11.52 21.36
C SER A 183 -3.92 11.88 21.11
N LEU A 184 -4.26 13.17 21.28
CA LEU A 184 -5.59 13.67 20.98
C LEU A 184 -5.47 14.77 19.92
N ASN A 185 -5.98 14.49 18.72
CA ASN A 185 -5.87 15.42 17.60
C ASN A 185 -4.44 15.94 17.47
N GLY A 186 -3.48 15.01 17.52
CA GLY A 186 -2.08 15.35 17.34
C GLY A 186 -1.40 15.97 18.54
N VAL A 187 -2.10 16.13 19.66
CA VAL A 187 -1.52 16.68 20.89
C VAL A 187 -1.27 15.53 21.84
N THR A 188 -0.01 15.32 22.19
CA THR A 188 0.32 14.28 23.13
C THR A 188 0.18 14.84 24.53
N LEU A 189 -0.56 14.13 25.38
CA LEU A 189 -0.85 14.68 26.69
C LEU A 189 -1.23 13.56 27.66
N ILE A 190 -1.14 13.89 28.94
CA ILE A 190 -1.60 13.07 30.02
C ILE A 190 -2.95 13.64 30.42
N GLY A 191 -4.00 12.86 30.19
CA GLY A 191 -5.34 13.39 30.27
C GLY A 191 -5.77 13.65 31.69
N GLU A 192 -6.48 14.77 31.87
CA GLU A 192 -7.18 15.11 33.11
C GLU A 192 -8.68 15.09 32.94
N ALA A 193 -9.19 15.74 31.90
CA ALA A 193 -10.61 15.69 31.57
C ALA A 193 -10.97 14.46 30.73
N VAL A 194 -9.97 13.74 30.21
CA VAL A 194 -10.16 12.51 29.45
C VAL A 194 -9.09 11.52 29.86
N LYS A 195 -9.38 10.24 29.66
CA LYS A 195 -8.46 9.18 30.02
C LYS A 195 -7.53 8.86 28.86
N THR A 196 -6.22 8.85 29.14
CA THR A 196 -5.19 8.50 28.17
C THR A 196 -4.35 7.29 28.57
N GLN A 197 -4.56 6.74 29.77
CA GLN A 197 -3.83 5.56 30.23
CA GLN A 197 -3.85 5.56 30.26
C GLN A 197 -4.60 4.31 29.83
N PHE A 198 -3.97 3.47 29.01
CA PHE A 198 -4.62 2.26 28.51
C PHE A 198 -3.92 1.01 29.01
N ASN A 199 -4.71 -0.05 29.16
CA ASN A 199 -4.18 -1.41 29.15
C ASN A 199 -3.97 -1.89 27.73
N TYR A 200 -2.93 -2.69 27.54
CA TYR A 200 -2.57 -3.24 26.24
C TYR A 200 -2.60 -4.75 26.26
N TYR A 201 -3.02 -5.34 25.14
CA TYR A 201 -3.05 -6.78 24.93
C TYR A 201 -2.66 -7.07 23.49
N LYS A 202 -2.09 -8.25 23.26
CA LYS A 202 -1.60 -8.60 21.92
C LYS A 202 -1.75 -10.08 21.65
N LYS A 203 -2.08 -10.42 20.41
CA LYS A 203 -2.20 -11.79 19.95
C LYS A 203 -1.40 -11.99 18.68
N VAL A 204 -0.73 -13.14 18.60
CA VAL A 204 0.02 -13.55 17.43
C VAL A 204 -0.40 -14.98 17.09
N ASP A 205 -0.89 -15.19 15.87
CA ASP A 205 -1.31 -16.52 15.41
C ASP A 205 -2.26 -17.16 16.41
N GLY A 206 -3.21 -16.38 16.88
CA GLY A 206 -4.23 -16.87 17.78
C GLY A 206 -3.83 -17.03 19.22
N VAL A 207 -2.62 -16.64 19.62
CA VAL A 207 -2.13 -16.90 20.97
C VAL A 207 -1.89 -15.57 21.68
N VAL A 208 -2.53 -15.38 22.84
CA VAL A 208 -2.24 -14.21 23.64
C VAL A 208 -0.75 -14.20 23.99
N GLN A 209 -0.15 -13.04 23.84
CA GLN A 209 1.26 -12.81 24.13
C GLN A 209 1.43 -12.17 25.50
N GLN A 210 2.45 -12.63 26.23
CA GLN A 210 3.00 -11.83 27.32
C GLN A 210 3.72 -10.62 26.73
N LEU A 211 3.26 -9.40 27.04
CA LEU A 211 4.05 -8.26 26.59
C LEU A 211 5.21 -8.01 27.57
N PRO A 212 6.34 -7.55 27.08
CA PRO A 212 7.51 -7.40 27.95
C PRO A 212 7.42 -6.20 28.89
N GLU A 213 8.08 -6.34 30.04
CA GLU A 213 8.42 -5.18 30.85
C GLU A 213 9.08 -4.16 29.95
N THR A 214 8.70 -2.90 30.10
CA THR A 214 9.19 -1.88 29.19
C THR A 214 9.26 -0.55 29.91
N TYR A 215 10.25 0.25 29.55
CA TYR A 215 10.20 1.68 29.80
C TYR A 215 9.35 2.33 28.72
N PHE A 216 8.89 3.57 28.98
CA PHE A 216 8.20 4.36 27.96
C PHE A 216 8.90 5.70 27.82
N THR A 217 9.01 6.18 26.57
CA THR A 217 9.46 7.55 26.35
C THR A 217 8.34 8.52 26.71
N GLN A 218 8.73 9.77 26.96
CA GLN A 218 7.82 10.76 27.52
C GLN A 218 7.17 11.66 26.49
N SER A 219 7.63 11.63 25.24
CA SER A 219 7.00 12.33 24.11
C SER A 219 6.89 13.83 24.34
N ARG A 220 7.89 14.42 24.97
CA ARG A 220 7.92 15.86 25.18
C ARG A 220 8.64 16.54 24.02
N ASN A 221 8.55 17.86 24.00
CA ASN A 221 9.27 18.60 22.97
C ASN A 221 10.23 19.59 23.62
N LEU A 222 11.16 20.02 22.78
CA LEU A 222 12.35 20.72 23.24
C LEU A 222 12.02 22.08 23.84
N GLN A 223 11.10 22.82 23.21
CA GLN A 223 10.81 24.18 23.66
C GLN A 223 10.07 24.18 24.98
N GLU A 224 8.85 23.67 24.97
CA GLU A 224 7.97 23.64 26.12
C GLU A 224 8.25 22.45 27.04
N PHE A 225 9.51 22.10 27.22
CA PHE A 225 9.84 20.94 28.02
C PHE A 225 9.40 21.14 29.46
N LYS A 226 8.81 20.09 30.03
CA LYS A 226 8.28 20.14 31.39
C LYS A 226 8.76 18.93 32.15
N PRO A 227 9.44 19.11 33.28
CA PRO A 227 9.98 17.96 34.01
C PRO A 227 8.87 17.23 34.75
N ARG A 228 9.12 15.94 35.00
CA ARG A 228 8.14 15.04 35.58
C ARG A 228 8.65 14.31 36.82
N SER A 229 9.76 14.75 37.41
CA SER A 229 10.26 14.23 38.68
C SER A 229 11.09 15.29 39.36
N GLN A 230 11.39 15.07 40.63
CA GLN A 230 12.26 15.99 41.35
C GLN A 230 13.67 15.98 40.74
N MET A 231 14.16 14.79 40.38
CA MET A 231 15.46 14.71 39.73
C MET A 231 15.51 15.58 38.48
N GLU A 232 14.44 15.57 37.68
CA GLU A 232 14.44 16.38 36.46
C GLU A 232 14.36 17.87 36.77
N ILE A 233 13.64 18.26 37.84
CA ILE A 233 13.62 19.67 38.23
C ILE A 233 15.02 20.11 38.61
N ASP A 234 15.71 19.28 39.41
CA ASP A 234 17.09 19.57 39.80
C ASP A 234 18.01 19.66 38.58
N PHE A 235 17.82 18.78 37.60
CA PHE A 235 18.69 18.80 36.43
C PHE A 235 18.60 20.13 35.68
N LEU A 236 17.40 20.69 35.59
CA LEU A 236 17.17 21.93 34.85
C LEU A 236 17.49 23.19 35.64
N GLU A 237 17.61 23.10 36.97
CA GLU A 237 17.85 24.27 37.81
C GLU A 237 19.25 24.32 38.41
N LEU A 238 19.95 23.21 38.45
CA LEU A 238 21.29 23.17 39.03
C LEU A 238 22.33 23.25 37.93
N ALA A 239 23.53 23.64 38.33
CA ALA A 239 24.66 23.53 37.43
C ALA A 239 25.05 22.07 37.29
N MET A 240 25.72 21.76 36.17
CA MET A 240 26.08 20.38 35.87
C MET A 240 26.78 19.72 37.06
N ASP A 241 27.77 20.38 37.64
CA ASP A 241 28.54 19.76 38.72
C ASP A 241 27.70 19.60 39.97
N GLU A 242 26.83 20.56 40.27
CA GLU A 242 26.01 20.46 41.47
C GLU A 242 25.00 19.33 41.32
N PHE A 243 24.44 19.16 40.12
CA PHE A 243 23.50 18.06 39.91
C PHE A 243 24.20 16.71 40.00
N ILE A 244 25.34 16.58 39.31
CA ILE A 244 26.05 15.32 39.33
C ILE A 244 26.43 14.96 40.76
N GLU A 245 26.76 15.98 41.58
CA GLU A 245 27.11 15.74 42.97
C GLU A 245 25.93 15.21 43.76
N ARG A 246 24.76 15.83 43.60
CA ARG A 246 23.60 15.46 44.40
C ARG A 246 23.17 14.03 44.15
N TYR A 247 23.23 13.57 42.91
CA TYR A 247 22.76 12.24 42.54
C TYR A 247 23.90 11.25 42.35
N LYS A 248 25.13 11.60 42.76
CA LYS A 248 26.22 10.64 42.90
C LYS A 248 26.53 9.94 41.58
N LEU A 249 26.63 10.73 40.52
CA LEU A 249 26.73 10.21 39.16
C LEU A 249 28.14 10.32 38.58
N GLU A 250 29.15 10.50 39.42
CA GLU A 250 30.51 10.48 38.90
C GLU A 250 30.78 9.14 38.25
N GLY A 251 31.54 9.15 37.15
CA GLY A 251 31.90 7.93 36.46
C GLY A 251 30.93 7.45 35.41
N TYR A 252 29.70 7.96 35.40
CA TYR A 252 28.70 7.62 34.39
C TYR A 252 28.69 8.57 33.18
N ALA A 253 29.59 9.55 33.14
CA ALA A 253 29.81 10.38 31.95
C ALA A 253 28.57 11.17 31.55
N PHE A 254 27.77 11.62 32.53
CA PHE A 254 26.63 12.46 32.19
C PHE A 254 27.05 13.73 31.47
N GLU A 255 28.23 14.27 31.82
CA GLU A 255 28.71 15.52 31.23
C GLU A 255 28.61 15.50 29.71
N ALA A 256 28.92 14.36 29.09
CA ALA A 256 28.83 14.22 27.65
C ALA A 256 27.52 13.60 27.18
N ILE A 257 27.07 12.51 27.81
CA ILE A 257 25.87 11.82 27.35
C ILE A 257 24.67 12.75 27.39
N VAL A 258 24.44 13.42 28.51
CA VAL A 258 23.20 14.15 28.75
C VAL A 258 23.36 15.64 28.44
N TYR A 259 24.41 16.27 28.98
CA TYR A 259 24.59 17.71 28.90
C TYR A 259 25.10 18.15 27.53
N GLY A 260 25.89 17.31 26.86
CA GLY A 260 26.48 17.70 25.59
C GLY A 260 27.83 18.39 25.70
N ASP A 261 28.79 17.98 24.86
CA ASP A 261 30.13 18.56 24.77
C ASP A 261 30.22 19.35 23.47
N PHE A 262 30.25 20.68 23.57
CA PHE A 262 30.23 21.58 22.42
C PHE A 262 31.61 22.18 22.10
N SER A 263 32.70 21.61 22.62
CA SER A 263 34.00 22.27 22.55
C SER A 263 34.81 21.89 21.32
N HIS A 264 34.44 20.82 20.64
CA HIS A 264 35.14 20.40 19.42
C HIS A 264 34.17 20.44 18.23
N SER A 265 34.74 20.39 17.04
CA SER A 265 33.92 20.50 15.83
C SER A 265 32.83 19.44 15.82
N GLN A 266 33.15 18.25 16.31
CA GLN A 266 32.20 17.15 16.39
C GLN A 266 31.50 17.23 17.75
N LEU A 267 30.20 17.47 17.72
CA LEU A 267 29.42 17.65 18.93
C LEU A 267 29.38 16.34 19.71
N GLY A 268 29.72 16.41 20.99
CA GLY A 268 29.79 15.21 21.82
C GLY A 268 28.49 14.93 22.54
N GLY A 269 28.02 13.69 22.43
CA GLY A 269 26.90 13.25 23.23
C GLY A 269 25.58 13.92 22.91
N LEU A 270 24.88 14.36 23.97
CA LEU A 270 23.58 15.02 23.87
C LEU A 270 22.49 14.07 23.36
N HIS A 271 22.22 12.98 24.10
CA HIS A 271 21.32 11.92 23.68
C HIS A 271 19.99 11.87 24.41
N LEU A 272 19.82 12.66 25.47
CA LEU A 272 18.59 12.72 26.25
C LEU A 272 17.88 14.01 25.89
N LEU A 273 16.57 13.93 25.64
CA LEU A 273 15.87 15.15 25.29
C LEU A 273 16.00 16.24 26.36
N ILE A 274 16.03 15.86 27.63
CA ILE A 274 16.12 16.88 28.68
C ILE A 274 17.41 17.68 28.57
N GLY A 275 18.51 17.03 28.19
CA GLY A 275 19.74 17.76 27.95
C GLY A 275 19.58 18.83 26.88
N LEU A 276 18.93 18.48 25.77
CA LEU A 276 18.74 19.49 24.73
C LEU A 276 17.86 20.63 25.25
N ALA A 277 16.86 20.32 26.08
CA ALA A 277 15.98 21.36 26.60
C ALA A 277 16.77 22.35 27.45
N LYS A 278 17.64 21.84 28.32
CA LYS A 278 18.45 22.73 29.14
C LYS A 278 19.30 23.63 28.25
N ARG A 279 20.00 23.03 27.30
CA ARG A 279 20.82 23.79 26.37
C ARG A 279 19.99 24.80 25.61
N PHE A 280 18.83 24.38 25.10
CA PHE A 280 18.03 25.25 24.24
C PHE A 280 17.55 26.50 24.98
N LYS A 281 17.18 26.34 26.25
CA LYS A 281 16.75 27.47 27.05
C LYS A 281 17.88 28.49 27.22
N GLU A 282 19.12 28.00 27.28
CA GLU A 282 20.30 28.87 27.40
C GLU A 282 20.77 29.41 26.05
N SER A 283 21.10 28.51 25.12
CA SER A 283 21.66 28.88 23.81
C SER A 283 20.99 28.12 22.68
N PRO A 284 20.27 28.78 21.79
CA PRO A 284 19.52 28.06 20.75
C PRO A 284 20.43 27.33 19.78
N PHE A 285 19.82 26.40 19.04
CA PHE A 285 20.55 25.61 18.06
C PHE A 285 19.56 25.02 17.08
N GLU A 286 20.09 24.37 16.07
CA GLU A 286 19.36 23.88 14.91
C GLU A 286 19.27 22.36 14.96
N LEU A 287 18.07 21.84 14.78
CA LEU A 287 17.77 20.41 14.80
C LEU A 287 17.10 20.05 13.48
N GLU A 288 17.84 19.51 12.54
CA GLU A 288 17.21 19.01 11.33
C GLU A 288 16.67 17.61 11.57
N ASP A 289 15.33 17.48 11.47
CA ASP A 289 14.60 16.24 11.62
C ASP A 289 14.45 15.57 10.25
N PHE A 290 15.49 14.83 9.84
CA PHE A 290 15.58 14.39 8.45
C PHE A 290 14.84 13.10 8.14
N ILE A 291 14.26 12.43 9.15
CA ILE A 291 13.29 11.36 8.92
C ILE A 291 12.05 11.78 9.73
N PRO A 292 11.23 12.70 9.24
CA PRO A 292 10.10 13.18 10.05
C PRO A 292 9.02 12.13 10.21
N MET A 293 9.06 11.45 11.33
CA MET A 293 8.08 10.44 11.66
C MET A 293 8.14 10.22 13.16
N ASP A 294 7.10 9.59 13.67
CA ASP A 294 7.08 9.23 15.07
C ASP A 294 7.95 8.00 15.31
N SER A 295 8.89 8.09 16.25
CA SER A 295 9.61 6.89 16.64
C SER A 295 10.28 7.08 17.99
N THR A 296 10.55 5.95 18.63
CA THR A 296 11.04 5.92 19.99
C THR A 296 12.37 6.65 20.12
N VAL A 297 13.30 6.38 19.21
CA VAL A 297 14.56 7.09 19.09
C VAL A 297 14.46 7.99 17.86
N LYS A 298 14.79 9.28 18.02
CA LYS A 298 14.80 10.25 16.91
C LYS A 298 16.24 10.59 16.53
N ASN A 299 16.49 10.75 15.23
CA ASN A 299 17.80 11.15 14.72
C ASN A 299 17.73 12.59 14.22
N TYR A 300 18.64 13.41 14.70
CA TYR A 300 18.71 14.81 14.28
C TYR A 300 20.10 15.15 13.81
N PHE A 301 20.16 15.99 12.76
CA PHE A 301 21.39 16.67 12.38
C PHE A 301 21.38 17.99 13.14
N ILE A 302 22.32 18.16 14.05
CA ILE A 302 22.30 19.27 14.99
C ILE A 302 23.50 20.15 14.71
N THR A 303 23.26 21.45 14.71
CA THR A 303 24.28 22.47 14.57
C THR A 303 24.07 23.46 15.70
N ASP A 304 25.08 23.64 16.54
CA ASP A 304 24.96 24.53 17.69
C ASP A 304 25.32 25.93 17.23
N ALA A 305 24.37 26.85 17.34
CA ALA A 305 24.58 28.18 16.77
C ALA A 305 25.67 28.94 17.49
N GLN A 306 25.82 28.76 18.80
CA GLN A 306 26.81 29.55 19.52
C GLN A 306 28.24 29.12 19.17
N THR A 307 28.50 27.81 19.13
CA THR A 307 29.87 27.32 19.01
C THR A 307 30.25 26.85 17.61
N GLY A 308 29.29 26.43 16.78
CA GLY A 308 29.62 25.77 15.54
C GLY A 308 29.86 24.28 15.66
N SER A 309 29.72 23.73 16.86
CA SER A 309 29.84 22.30 17.05
C SER A 309 28.62 21.64 16.41
N SER A 310 28.82 20.51 15.74
CA SER A 310 27.72 19.90 15.00
C SER A 310 27.91 18.39 14.91
N LYS A 311 26.84 17.71 14.53
CA LYS A 311 26.83 16.25 14.39
C LYS A 311 25.72 15.86 13.42
N CYS A 312 26.09 15.07 12.40
CA CYS A 312 25.16 14.62 11.37
C CYS A 312 24.04 13.75 11.89
N VAL A 313 24.37 12.80 12.76
CA VAL A 313 23.39 11.89 13.32
C VAL A 313 23.54 11.96 14.83
N CYS A 314 22.66 12.67 15.46
CA CYS A 314 22.60 12.77 16.91
C CYS A 314 21.33 12.05 17.35
N SER A 315 21.50 10.83 17.88
CA SER A 315 20.36 10.04 18.33
C SER A 315 19.85 10.60 19.66
N VAL A 316 18.55 10.86 19.72
CA VAL A 316 17.95 11.52 20.88
C VAL A 316 16.77 10.69 21.34
N ILE A 317 16.69 10.46 22.65
CA ILE A 317 15.58 9.74 23.24
C ILE A 317 15.07 10.53 24.44
N ASP A 318 13.75 10.56 24.62
CA ASP A 318 13.13 11.28 25.72
C ASP A 318 12.68 10.26 26.77
N LEU A 319 13.63 9.87 27.61
CA LEU A 319 13.36 9.09 28.80
C LEU A 319 13.25 10.01 29.99
N LEU A 320 12.37 9.65 30.92
CA LEU A 320 12.40 10.25 32.24
C LEU A 320 13.83 10.11 32.77
N LEU A 321 14.41 11.19 33.28
CA LEU A 321 15.80 11.10 33.68
C LEU A 321 16.01 9.98 34.71
N ASP A 322 15.10 9.83 35.67
CA ASP A 322 15.20 8.73 36.64
C ASP A 322 15.30 7.37 35.94
N ASP A 323 14.54 7.17 34.88
CA ASP A 323 14.61 5.91 34.16
C ASP A 323 15.97 5.73 33.51
N PHE A 324 16.50 6.78 32.87
CA PHE A 324 17.80 6.67 32.23
C PHE A 324 18.88 6.38 33.26
N VAL A 325 18.81 7.06 34.39
CA VAL A 325 19.72 6.79 35.51
C VAL A 325 19.64 5.32 35.91
N GLU A 326 18.42 4.79 36.07
CA GLU A 326 18.29 3.38 36.45
C GLU A 326 18.97 2.49 35.43
N ILE A 327 18.80 2.80 34.14
CA ILE A 327 19.36 1.97 33.09
C ILE A 327 20.88 1.97 33.16
N ILE A 328 21.49 3.16 33.16
CA ILE A 328 22.94 3.23 33.03
C ILE A 328 23.59 2.69 34.30
N LYS A 329 22.98 2.88 35.46
CA LYS A 329 23.48 2.31 36.70
C LYS A 329 23.27 0.80 36.81
N SER A 330 22.54 0.19 35.87
CA SER A 330 22.27 -1.25 35.90
C SER A 330 23.12 -2.04 34.90
N GLN A 331 24.22 -1.46 34.43
CA GLN A 331 25.06 -2.14 33.47
C GLN A 331 26.39 -2.48 34.10
N ASP A 332 26.99 -3.52 33.54
CA ASP A 332 28.37 -3.86 33.87
C ASP A 332 29.28 -2.98 33.02
N LEU A 333 30.26 -2.37 33.68
CA LEU A 333 31.07 -1.32 33.09
C LEU A 333 32.51 -1.76 32.86
N SER A 334 32.74 -3.06 32.69
CA SER A 334 34.09 -3.60 32.68
C SER A 334 34.62 -3.89 31.28
N VAL A 335 33.90 -3.51 30.20
CA VAL A 335 34.32 -3.81 28.84
C VAL A 335 34.43 -2.53 28.02
N VAL A 336 35.35 -2.55 27.05
CA VAL A 336 35.55 -1.38 26.21
C VAL A 336 34.25 -1.00 25.51
N SER A 337 33.56 -1.98 24.92
CA SER A 337 32.35 -1.67 24.17
C SER A 337 31.44 -2.89 24.13
N LYS A 338 30.14 -2.63 24.15
CA LYS A 338 29.15 -3.69 24.10
C LYS A 338 27.81 -3.08 23.70
N VAL A 339 26.97 -3.90 23.09
CA VAL A 339 25.58 -3.53 22.84
C VAL A 339 24.78 -3.80 24.11
N VAL A 340 24.04 -2.79 24.55
CA VAL A 340 23.11 -2.90 25.65
C VAL A 340 21.71 -2.83 25.07
N LYS A 341 20.86 -3.79 25.38
CA LYS A 341 19.50 -3.84 24.87
C LYS A 341 18.52 -3.45 25.96
N VAL A 342 17.60 -2.55 25.62
CA VAL A 342 16.60 -2.03 26.55
C VAL A 342 15.25 -1.99 25.85
N THR A 343 14.24 -2.53 26.52
CA THR A 343 12.89 -2.53 25.98
C THR A 343 12.24 -1.20 26.32
N ILE A 344 11.91 -0.44 25.29
CA ILE A 344 11.30 0.88 25.46
C ILE A 344 10.15 0.99 24.47
N ASP A 345 9.00 1.43 24.95
CA ASP A 345 7.82 1.55 24.10
C ASP A 345 7.50 0.21 23.43
N TYR A 346 7.77 -0.89 24.15
CA TYR A 346 7.53 -2.27 23.73
C TYR A 346 8.45 -2.75 22.63
N THR A 347 9.53 -2.03 22.33
CA THR A 347 10.48 -2.47 21.32
C THR A 347 11.86 -2.49 21.95
N GLU A 348 12.71 -3.34 21.42
CA GLU A 348 14.08 -3.48 21.90
C GLU A 348 14.95 -2.43 21.23
N ILE A 349 15.43 -1.47 22.01
CA ILE A 349 16.34 -0.43 21.55
C ILE A 349 17.75 -0.86 21.95
N SER A 350 18.67 -0.80 20.98
CA SER A 350 20.06 -1.15 21.20
C SER A 350 20.88 0.11 21.46
N PHE A 351 21.63 0.09 22.55
CA PHE A 351 22.53 1.16 22.93
C PHE A 351 23.95 0.64 22.81
N MET A 352 24.87 1.54 22.48
CA MET A 352 26.28 1.25 22.58
C MET A 352 26.80 1.80 23.90
N LEU A 353 27.45 0.94 24.69
CA LEU A 353 28.09 1.33 25.94
C LEU A 353 29.59 1.22 25.78
N TRP A 354 30.29 2.32 26.01
CA TRP A 354 31.75 2.36 25.95
C TRP A 354 32.27 2.73 27.33
N CYS A 355 33.20 1.92 27.84
CA CYS A 355 33.76 2.11 29.18
C CYS A 355 35.29 2.08 29.14
N LYS A 356 35.88 2.83 30.05
CA LYS A 356 37.33 2.85 30.24
C LYS A 356 37.58 2.79 31.73
N ASP A 357 38.37 1.81 32.16
CA ASP A 357 38.79 1.65 33.56
C ASP A 357 37.62 1.79 34.54
N GLY A 358 36.52 1.09 34.25
CA GLY A 358 35.38 1.04 35.14
C GLY A 358 34.47 2.24 35.09
N HIS A 359 34.75 3.23 34.26
CA HIS A 359 33.89 4.39 34.09
C HIS A 359 33.22 4.32 32.72
N VAL A 360 31.98 4.78 32.64
CA VAL A 360 31.38 4.97 31.33
C VAL A 360 32.15 6.06 30.60
N GLU A 361 32.31 5.88 29.30
CA GLU A 361 32.83 6.91 28.41
C GLU A 361 31.73 7.54 27.56
N THR A 362 30.93 6.71 26.89
CA THR A 362 29.69 7.18 26.30
C THR A 362 28.69 6.04 26.28
N PHE A 363 27.43 6.41 26.07
CA PHE A 363 26.32 5.47 26.12
C PHE A 363 25.17 6.13 25.38
N TYR A 364 24.89 5.66 24.17
CA TYR A 364 24.04 6.36 23.24
C TYR A 364 23.17 5.37 22.48
N PRO A 365 21.99 5.79 22.03
CA PRO A 365 21.06 4.89 21.36
C PRO A 365 21.49 4.58 19.92
N LYS A 366 20.62 3.83 19.23
CA LYS A 366 20.69 3.62 17.79
C LYS A 366 19.27 3.43 17.28
N LEU A 367 18.98 3.96 16.09
CA LEU A 367 17.67 3.80 15.46
C LEU A 367 17.73 2.67 14.42
N HIS B 21 21.40 -4.79 -5.97
CA HIS B 21 21.93 -3.43 -6.29
C HIS B 21 20.95 -2.74 -7.22
N MET B 22 19.69 -2.71 -6.76
CA MET B 22 18.59 -2.12 -7.51
C MET B 22 18.62 -0.60 -7.39
N SER B 23 18.27 0.05 -8.49
CA SER B 23 18.40 1.50 -8.53
C SER B 23 17.72 2.05 -9.78
N LEU B 24 17.17 3.25 -9.62
CA LEU B 24 16.55 3.95 -10.74
C LEU B 24 17.50 4.04 -11.93
N GLU B 25 18.74 4.51 -11.67
CA GLU B 25 19.71 4.72 -12.73
C GLU B 25 20.03 3.41 -13.44
N ASN B 26 19.98 2.29 -12.72
CA ASN B 26 20.26 1.01 -13.36
C ASN B 26 19.08 0.52 -14.19
N VAL B 27 17.85 0.75 -13.71
CA VAL B 27 16.68 0.42 -14.54
C VAL B 27 16.73 1.19 -15.85
N ALA B 28 17.03 2.49 -15.76
CA ALA B 28 17.17 3.31 -16.97
C ALA B 28 18.29 2.80 -17.88
N PHE B 29 19.42 2.37 -17.30
CA PHE B 29 20.50 1.85 -18.15
C PHE B 29 20.01 0.65 -18.97
N ASN B 30 19.24 -0.24 -18.34
CA ASN B 30 18.72 -1.40 -19.03
C ASN B 30 17.73 -1.02 -20.12
N VAL B 31 16.85 -0.07 -19.81
CA VAL B 31 15.86 0.37 -20.80
C VAL B 31 16.55 1.02 -21.98
N VAL B 32 17.57 1.85 -21.71
CA VAL B 32 18.27 2.54 -22.80
C VAL B 32 18.94 1.55 -23.74
N ASN B 33 19.54 0.50 -23.19
CA ASN B 33 20.33 -0.42 -24.00
C ASN B 33 19.55 -1.65 -24.45
N LYS B 34 18.45 -2.00 -23.79
CA LYS B 34 17.73 -3.23 -24.11
C LYS B 34 16.24 -3.05 -24.33
N GLY B 35 15.68 -1.89 -24.02
CA GLY B 35 14.25 -1.72 -24.10
C GLY B 35 13.49 -2.19 -22.88
N HIS B 36 14.16 -2.85 -21.93
CA HIS B 36 13.49 -3.41 -20.76
C HIS B 36 14.54 -3.88 -19.77
N PHE B 37 14.10 -4.31 -18.61
CA PHE B 37 15.05 -4.71 -17.59
C PHE B 37 15.51 -6.14 -17.83
N ASP B 38 16.82 -6.29 -18.00
CA ASP B 38 17.45 -7.58 -18.29
C ASP B 38 18.51 -7.92 -17.25
N GLY B 39 18.58 -7.18 -16.15
CA GLY B 39 19.61 -7.46 -15.15
C GLY B 39 21.02 -7.09 -15.53
N GLN B 40 21.22 -6.20 -16.49
CA GLN B 40 22.56 -5.74 -16.84
C GLN B 40 23.03 -4.70 -15.83
N GLN B 41 24.33 -4.65 -15.64
CA GLN B 41 24.96 -3.66 -14.78
C GLN B 41 25.20 -2.37 -15.54
N GLY B 42 25.04 -1.26 -14.86
CA GLY B 42 25.30 0.04 -15.46
C GLY B 42 24.38 1.08 -14.91
N GLU B 43 24.75 2.33 -15.11
CA GLU B 43 23.91 3.46 -14.73
C GLU B 43 23.91 4.46 -15.86
N VAL B 44 22.79 5.16 -16.02
CA VAL B 44 22.76 6.38 -16.82
C VAL B 44 22.10 7.49 -16.00
N PRO B 45 22.42 8.74 -16.29
CA PRO B 45 21.81 9.87 -15.57
C PRO B 45 20.34 10.02 -15.91
N VAL B 46 19.53 10.27 -14.87
CA VAL B 46 18.09 10.29 -15.00
C VAL B 46 17.56 11.57 -14.40
N SER B 47 16.54 12.14 -15.05
CA SER B 47 15.76 13.26 -14.54
C SER B 47 14.31 12.83 -14.42
N ILE B 48 13.67 13.24 -13.35
CA ILE B 48 12.25 13.00 -13.14
C ILE B 48 11.59 14.36 -13.11
N ILE B 49 10.49 14.53 -13.87
N ILE B 49 10.63 14.57 -14.01
CA ILE B 49 9.79 15.81 -13.80
CA ILE B 49 9.85 15.80 -14.04
C ILE B 49 8.30 15.70 -14.11
C ILE B 49 8.44 15.41 -14.39
N ASN B 50 7.92 15.46 -15.36
N ASN B 50 7.50 16.07 -13.71
CA ASN B 50 6.51 15.70 -15.76
CA ASN B 50 6.11 15.64 -13.64
C ASN B 50 5.67 14.42 -15.65
C ASN B 50 6.09 14.13 -13.40
N ASN B 51 5.80 13.74 -14.51
N ASN B 51 5.45 13.40 -14.32
CA ASN B 51 5.36 12.37 -14.36
CA ASN B 51 5.32 11.96 -14.28
C ASN B 51 6.01 11.53 -15.46
C ASN B 51 6.12 11.32 -15.42
N THR B 52 7.25 11.90 -15.76
CA THR B 52 8.03 11.41 -16.88
C THR B 52 9.47 11.16 -16.45
N VAL B 53 10.04 10.09 -17.00
CA VAL B 53 11.44 9.76 -16.79
C VAL B 53 12.19 10.12 -18.06
N TYR B 54 13.25 10.92 -17.91
CA TYR B 54 14.16 11.29 -18.96
C TYR B 54 15.55 10.79 -18.60
N THR B 55 16.38 10.64 -19.63
CA THR B 55 17.80 10.39 -19.46
C THR B 55 18.57 11.29 -20.40
N LYS B 56 19.79 11.62 -20.00
CA LYS B 56 20.59 12.57 -20.76
C LYS B 56 21.46 11.83 -21.77
N VAL B 57 21.37 12.28 -23.01
CA VAL B 57 22.07 11.70 -24.16
C VAL B 57 22.62 12.87 -24.96
N ASP B 58 23.91 12.87 -25.23
CA ASP B 58 24.50 13.98 -25.99
C ASP B 58 24.18 15.31 -25.31
N GLY B 59 23.98 15.30 -23.99
CA GLY B 59 23.75 16.54 -23.29
C GLY B 59 22.31 17.03 -23.26
N VAL B 60 21.37 16.30 -23.83
CA VAL B 60 19.97 16.71 -23.82
C VAL B 60 19.13 15.60 -23.23
N ASP B 61 18.01 15.99 -22.65
CA ASP B 61 17.08 15.07 -22.02
C ASP B 61 16.24 14.34 -23.05
N VAL B 62 16.18 13.03 -22.94
CA VAL B 62 15.37 12.20 -23.81
C VAL B 62 14.37 11.46 -22.95
N GLU B 63 13.12 11.49 -23.36
CA GLU B 63 12.06 10.81 -22.66
C GLU B 63 12.16 9.30 -22.82
N LEU B 64 12.20 8.58 -21.70
CA LEU B 64 12.15 7.12 -21.66
C LEU B 64 10.79 6.55 -21.27
N PHE B 65 9.99 7.28 -20.50
CA PHE B 65 8.79 6.69 -19.94
C PHE B 65 7.88 7.79 -19.44
N GLU B 66 6.62 7.72 -19.86
CA GLU B 66 5.57 8.58 -19.33
C GLU B 66 4.64 7.75 -18.47
N ASN B 67 4.52 8.15 -17.22
CA ASN B 67 3.72 7.40 -16.26
C ASN B 67 2.25 7.70 -16.47
N LYS B 68 1.47 6.70 -16.88
CA LYS B 68 0.02 6.80 -16.98
C LYS B 68 -0.69 6.00 -15.89
N THR B 69 0.04 5.50 -14.92
CA THR B 69 -0.50 4.71 -13.82
C THR B 69 -0.81 5.61 -12.64
N THR B 70 -1.46 5.04 -11.63
CA THR B 70 -1.67 5.77 -10.38
C THR B 70 -0.53 5.53 -9.40
N LEU B 71 0.54 4.85 -9.83
CA LEU B 71 1.70 4.64 -8.97
C LEU B 71 2.66 5.81 -9.10
N PRO B 72 3.59 5.97 -8.17
CA PRO B 72 4.63 6.98 -8.34
C PRO B 72 5.48 6.73 -9.59
N VAL B 73 5.92 7.82 -10.22
CA VAL B 73 6.53 7.73 -11.56
C VAL B 73 7.69 6.76 -11.59
N ASN B 74 8.58 6.82 -10.60
CA ASN B 74 9.76 5.97 -10.66
C ASN B 74 9.43 4.50 -10.40
N VAL B 75 8.42 4.25 -9.57
CA VAL B 75 7.93 2.90 -9.31
C VAL B 75 7.29 2.31 -10.56
N ALA B 76 6.38 3.07 -11.19
CA ALA B 76 5.76 2.58 -12.41
C ALA B 76 6.82 2.27 -13.46
N PHE B 77 7.84 3.12 -13.57
CA PHE B 77 8.91 2.90 -14.53
C PHE B 77 9.55 1.55 -14.30
N GLU B 78 9.87 1.24 -13.04
CA GLU B 78 10.55 -0.01 -12.74
C GLU B 78 9.66 -1.22 -13.05
N LEU B 79 8.37 -1.16 -12.70
CA LEU B 79 7.48 -2.29 -13.00
C LEU B 79 7.32 -2.46 -14.51
N TRP B 80 7.17 -1.35 -15.23
CA TRP B 80 7.10 -1.41 -16.68
C TRP B 80 8.35 -2.07 -17.23
N ALA B 81 9.52 -1.64 -16.74
CA ALA B 81 10.76 -2.22 -17.22
C ALA B 81 10.84 -3.71 -16.94
N LYS B 82 10.25 -4.16 -15.83
CA LYS B 82 10.33 -5.55 -15.42
C LYS B 82 9.13 -6.35 -15.89
N ARG B 83 8.38 -5.83 -16.86
CA ARG B 83 7.18 -6.51 -17.32
C ARG B 83 7.57 -7.82 -18.00
N ASN B 84 6.66 -8.77 -17.94
CA ASN B 84 6.85 -10.03 -18.64
C ASN B 84 6.72 -9.80 -20.13
N ILE B 85 7.73 -10.18 -20.88
CA ILE B 85 7.76 -9.99 -22.32
C ILE B 85 7.68 -11.33 -23.05
N LYS B 86 7.26 -12.40 -22.38
CA LYS B 86 6.89 -13.66 -23.00
C LYS B 86 5.37 -13.70 -23.18
N PRO B 87 4.84 -14.63 -23.95
CA PRO B 87 3.38 -14.75 -24.02
C PRO B 87 2.82 -15.04 -22.64
N VAL B 88 1.84 -14.23 -22.25
CA VAL B 88 1.20 -14.38 -20.95
C VAL B 88 -0.31 -14.33 -21.17
N PRO B 89 -1.10 -14.85 -20.23
CA PRO B 89 -2.55 -14.76 -20.35
C PRO B 89 -3.01 -13.33 -20.50
N GLU B 90 -4.07 -13.14 -21.30
CA GLU B 90 -4.72 -11.84 -21.36
C GLU B 90 -5.32 -11.49 -19.99
N VAL B 91 -5.25 -10.21 -19.65
CA VAL B 91 -5.58 -9.78 -18.28
C VAL B 91 -7.00 -10.16 -17.91
N LYS B 92 -7.93 -10.10 -18.86
CA LYS B 92 -9.31 -10.44 -18.55
C LYS B 92 -9.43 -11.87 -18.00
N ILE B 93 -8.59 -12.79 -18.49
CA ILE B 93 -8.63 -14.16 -17.99
C ILE B 93 -8.19 -14.20 -16.53
N LEU B 94 -7.09 -13.54 -16.21
CA LEU B 94 -6.59 -13.53 -14.85
C LEU B 94 -7.58 -12.85 -13.92
N ASN B 95 -8.18 -11.74 -14.36
CA ASN B 95 -9.18 -11.07 -13.54
C ASN B 95 -10.36 -12.00 -13.26
N ASN B 96 -10.82 -12.71 -14.30
CA ASN B 96 -11.99 -13.55 -14.13
C ASN B 96 -11.68 -14.71 -13.20
N LEU B 97 -10.44 -15.17 -13.18
CA LEU B 97 -10.05 -16.23 -12.27
C LEU B 97 -9.72 -15.71 -10.88
N GLY B 98 -9.86 -14.41 -10.63
CA GLY B 98 -9.61 -13.88 -9.32
C GLY B 98 -8.16 -13.66 -8.96
N VAL B 99 -7.25 -13.54 -9.94
CA VAL B 99 -5.85 -13.34 -9.62
C VAL B 99 -5.64 -11.97 -8.98
N ASP B 100 -4.94 -11.95 -7.85
CA ASP B 100 -4.66 -10.74 -7.09
C ASP B 100 -3.25 -10.22 -7.32
N ILE B 101 -2.31 -11.09 -7.67
CA ILE B 101 -0.88 -10.77 -7.62
C ILE B 101 -0.14 -11.86 -8.36
N ALA B 102 1.05 -11.54 -8.86
CA ALA B 102 1.85 -12.48 -9.64
C ALA B 102 3.10 -12.87 -8.87
N ALA B 103 3.54 -14.11 -9.04
CA ALA B 103 4.77 -14.61 -8.40
C ALA B 103 5.97 -14.21 -9.23
N ASN B 104 6.72 -13.21 -8.76
CA ASN B 104 8.07 -12.92 -9.28
C ASN B 104 8.04 -12.49 -10.75
N THR B 105 7.00 -11.77 -11.14
CA THR B 105 6.92 -11.20 -12.47
C THR B 105 5.91 -10.06 -12.39
N VAL B 106 5.86 -9.27 -13.43
CA VAL B 106 4.87 -8.22 -13.61
C VAL B 106 4.08 -8.52 -14.87
N ILE B 107 2.77 -8.66 -14.73
CA ILE B 107 1.87 -8.72 -15.87
C ILE B 107 1.46 -7.30 -16.21
N TRP B 108 1.93 -6.78 -17.34
CA TRP B 108 1.63 -5.41 -17.70
C TRP B 108 0.32 -5.39 -18.45
N ASP B 109 -0.59 -4.50 -18.03
CA ASP B 109 -1.90 -4.34 -18.67
C ASP B 109 -1.75 -3.26 -19.74
N TYR B 110 -1.63 -3.67 -21.01
CA TYR B 110 -1.40 -2.75 -22.11
C TYR B 110 -2.63 -1.93 -22.48
N LYS B 111 -3.84 -2.39 -22.13
CA LYS B 111 -5.02 -1.59 -22.40
C LYS B 111 -5.20 -0.44 -21.41
N ARG B 112 -4.75 -0.60 -20.17
CA ARG B 112 -4.77 0.48 -19.19
C ARG B 112 -3.43 1.21 -19.11
N ASP B 113 -2.37 0.65 -19.72
CA ASP B 113 -1.01 1.18 -19.66
C ASP B 113 -0.53 1.27 -18.22
N ALA B 114 -0.71 0.18 -17.49
CA ALA B 114 -0.44 0.13 -16.05
C ALA B 114 -0.23 -1.32 -15.67
N PRO B 115 0.37 -1.59 -14.49
CA PRO B 115 0.47 -2.98 -14.03
C PRO B 115 -0.92 -3.57 -13.80
N ALA B 116 -1.07 -4.83 -14.16
CA ALA B 116 -2.34 -5.50 -13.91
C ALA B 116 -2.62 -5.67 -12.43
N HIS B 117 -1.59 -5.70 -11.61
CA HIS B 117 -1.73 -5.93 -10.17
C HIS B 117 -0.97 -4.85 -9.45
N ILE B 118 -1.53 -4.37 -8.36
CA ILE B 118 -0.96 -3.19 -7.73
C ILE B 118 0.25 -3.56 -6.87
N SER B 119 0.28 -4.78 -6.32
CA SER B 119 1.38 -5.25 -5.49
C SER B 119 2.18 -6.32 -6.23
N THR B 120 3.38 -6.60 -5.70
CA THR B 120 4.28 -7.55 -6.32
C THR B 120 4.89 -8.49 -5.28
N ILE B 121 5.52 -9.54 -5.79
CA ILE B 121 6.28 -10.51 -4.99
C ILE B 121 7.64 -10.66 -5.67
N GLY B 122 8.69 -10.20 -5.01
CA GLY B 122 10.03 -10.37 -5.53
C GLY B 122 10.37 -9.60 -6.79
N VAL B 123 9.82 -8.41 -6.96
CA VAL B 123 10.03 -7.62 -8.17
C VAL B 123 10.66 -6.26 -7.87
N CYS B 124 10.06 -5.52 -6.94
CA CYS B 124 10.33 -4.11 -6.77
C CYS B 124 10.15 -3.80 -5.30
N SER B 125 11.17 -3.19 -4.68
CA SER B 125 11.10 -3.06 -3.23
C SER B 125 10.02 -2.06 -2.79
N MET B 126 9.53 -1.20 -3.69
CA MET B 126 8.47 -0.29 -3.28
C MET B 126 7.10 -0.96 -3.34
N THR B 127 6.92 -1.97 -4.19
CA THR B 127 5.63 -2.61 -4.32
C THR B 127 5.57 -4.04 -3.78
N ASP B 128 6.70 -4.61 -3.36
CA ASP B 128 6.73 -5.99 -2.87
C ASP B 128 5.99 -6.09 -1.54
N ILE B 129 5.12 -7.08 -1.41
CA ILE B 129 4.61 -7.44 -0.09
C ILE B 129 5.40 -8.58 0.50
N ALA B 130 6.29 -9.18 -0.29
CA ALA B 130 7.05 -10.37 0.03
C ALA B 130 8.10 -10.55 -1.07
N LYS B 131 9.15 -11.28 -0.74
CA LYS B 131 10.15 -11.67 -1.72
C LYS B 131 9.82 -13.00 -2.36
N LYS B 132 9.14 -13.89 -1.63
CA LYS B 132 8.75 -15.20 -2.12
C LYS B 132 7.28 -15.47 -1.84
N PRO B 133 6.60 -16.19 -2.74
CA PRO B 133 5.16 -16.42 -2.55
C PRO B 133 4.83 -17.32 -1.37
N THR B 134 5.82 -17.89 -0.69
CA THR B 134 5.58 -18.72 0.47
C THR B 134 5.39 -17.92 1.74
N GLU B 135 5.75 -16.65 1.74
CA GLU B 135 5.61 -15.87 2.96
C GLU B 135 4.14 -15.80 3.36
N THR B 136 3.91 -15.66 4.65
CA THR B 136 2.56 -15.74 5.21
C THR B 136 1.64 -14.68 4.61
N ILE B 137 2.13 -13.47 4.37
CA ILE B 137 1.27 -12.40 3.87
C ILE B 137 0.56 -12.82 2.56
N CYS B 138 1.18 -13.73 1.79
CA CYS B 138 0.61 -14.10 0.50
C CYS B 138 -0.53 -15.12 0.59
N ALA B 139 -0.73 -15.74 1.75
CA ALA B 139 -1.63 -16.88 1.81
C ALA B 139 -3.04 -16.53 1.34
N PRO B 140 -3.66 -15.43 1.78
CA PRO B 140 -5.05 -15.14 1.37
C PRO B 140 -5.19 -14.63 -0.04
N LEU B 141 -4.09 -14.33 -0.72
CA LEU B 141 -4.14 -13.77 -2.06
C LEU B 141 -4.04 -14.88 -3.10
N THR B 142 -4.77 -14.70 -4.19
CA THR B 142 -4.68 -15.62 -5.31
C THR B 142 -3.47 -15.25 -6.15
N VAL B 143 -2.41 -16.02 -5.99
CA VAL B 143 -1.13 -15.73 -6.62
C VAL B 143 -1.08 -16.40 -7.98
N PHE B 144 -0.62 -15.66 -8.99
CA PHE B 144 -0.41 -16.22 -10.32
C PHE B 144 0.99 -16.82 -10.45
N PHE B 145 1.03 -18.08 -10.83
CA PHE B 145 2.26 -18.83 -11.00
C PHE B 145 2.38 -19.24 -12.46
N ASP B 146 3.61 -19.18 -12.98
CA ASP B 146 3.90 -19.49 -14.38
C ASP B 146 4.72 -20.78 -14.43
N GLY B 147 4.07 -21.89 -14.78
CA GLY B 147 4.74 -23.17 -14.81
C GLY B 147 5.92 -23.25 -15.75
N ARG B 148 6.05 -22.29 -16.68
CA ARG B 148 7.23 -22.27 -17.53
C ARG B 148 8.48 -21.83 -16.77
N VAL B 149 8.35 -21.32 -15.56
CA VAL B 149 9.50 -20.87 -14.77
C VAL B 149 9.82 -21.94 -13.73
N ASP B 150 11.10 -22.27 -13.62
CA ASP B 150 11.56 -23.28 -12.67
C ASP B 150 10.98 -23.04 -11.28
N GLY B 151 10.43 -24.10 -10.68
CA GLY B 151 10.00 -24.09 -9.31
C GLY B 151 8.62 -23.53 -9.06
N GLN B 152 7.96 -22.98 -10.07
CA GLN B 152 6.67 -22.34 -9.82
C GLN B 152 5.55 -23.34 -9.62
N VAL B 153 5.60 -24.48 -10.30
CA VAL B 153 4.59 -25.50 -10.07
C VAL B 153 4.59 -25.90 -8.60
N ASP B 154 5.78 -26.21 -8.05
CA ASP B 154 5.87 -26.57 -6.64
C ASP B 154 5.41 -25.45 -5.72
N LEU B 155 5.62 -24.19 -6.10
CA LEU B 155 5.09 -23.13 -5.25
C LEU B 155 3.56 -23.10 -5.31
N PHE B 156 2.98 -23.36 -6.47
CA PHE B 156 1.54 -23.48 -6.55
C PHE B 156 1.03 -24.59 -5.64
N ARG B 157 1.73 -25.73 -5.61
CA ARG B 157 1.30 -26.83 -4.75
C ARG B 157 1.34 -26.47 -3.26
N ASN B 158 2.25 -25.59 -2.85
CA ASN B 158 2.32 -25.14 -1.46
C ASN B 158 1.43 -23.93 -1.16
N ALA B 159 0.94 -23.24 -2.17
CA ALA B 159 0.20 -22.01 -1.94
C ALA B 159 -1.23 -22.32 -1.55
N ARG B 160 -1.78 -21.46 -0.71
CA ARG B 160 -3.16 -21.65 -0.29
C ARG B 160 -4.13 -21.24 -1.38
N ASN B 161 -3.83 -20.15 -2.09
CA ASN B 161 -4.68 -19.62 -3.15
C ASN B 161 -3.79 -19.28 -4.33
N GLY B 162 -4.20 -19.73 -5.50
CA GLY B 162 -3.38 -19.43 -6.66
C GLY B 162 -4.03 -19.89 -7.95
N VAL B 163 -3.44 -19.41 -9.03
CA VAL B 163 -3.73 -19.84 -10.38
C VAL B 163 -2.41 -20.21 -11.02
N LEU B 164 -2.39 -21.33 -11.72
CA LEU B 164 -1.18 -21.83 -12.36
C LEU B 164 -1.46 -22.03 -13.84
N ILE B 165 -0.49 -21.64 -14.69
CA ILE B 165 -0.47 -22.04 -16.08
C ILE B 165 0.74 -22.91 -16.35
N THR B 166 0.59 -23.83 -17.31
CA THR B 166 1.67 -24.65 -17.80
C THR B 166 1.47 -24.88 -19.29
N GLU B 167 2.55 -25.30 -19.94
CA GLU B 167 2.45 -25.71 -21.34
C GLU B 167 2.09 -27.18 -21.50
N GLY B 168 2.45 -28.00 -20.52
CA GLY B 168 2.11 -29.41 -20.57
C GLY B 168 1.37 -29.83 -19.31
N SER B 169 1.31 -31.14 -19.11
CA SER B 169 0.58 -31.69 -17.99
C SER B 169 1.40 -31.61 -16.70
N VAL B 170 0.69 -31.51 -15.59
CA VAL B 170 1.25 -31.56 -14.26
C VAL B 170 0.73 -32.82 -13.59
N LYS B 171 1.64 -33.62 -13.05
CA LYS B 171 1.26 -34.95 -12.61
C LYS B 171 0.22 -34.88 -11.50
N GLY B 172 -0.91 -35.56 -11.72
CA GLY B 172 -1.98 -35.59 -10.75
C GLY B 172 -3.00 -34.48 -10.88
N LEU B 173 -2.65 -33.36 -11.48
CA LEU B 173 -3.56 -32.21 -11.51
C LEU B 173 -4.39 -32.26 -12.77
N GLN B 174 -5.70 -32.12 -12.60
CA GLN B 174 -6.62 -32.15 -13.72
C GLN B 174 -6.63 -30.76 -14.38
N PRO B 175 -6.33 -30.65 -15.66
CA PRO B 175 -6.19 -29.33 -16.29
C PRO B 175 -7.50 -28.82 -16.88
N SER B 176 -7.52 -27.50 -17.05
CA SER B 176 -8.49 -26.84 -17.92
C SER B 176 -7.72 -26.26 -19.10
N VAL B 177 -8.14 -26.61 -20.32
CA VAL B 177 -7.51 -26.06 -21.51
C VAL B 177 -7.89 -24.58 -21.65
N GLY B 178 -6.90 -23.70 -21.66
CA GLY B 178 -7.19 -22.29 -21.75
C GLY B 178 -7.46 -21.80 -23.18
N PRO B 179 -7.61 -20.49 -23.36
CA PRO B 179 -7.80 -19.95 -24.72
C PRO B 179 -6.65 -20.30 -25.62
N LYS B 180 -6.92 -20.31 -26.93
CA LYS B 180 -5.86 -20.53 -27.91
C LYS B 180 -4.86 -19.37 -27.90
N GLN B 181 -5.31 -18.17 -27.57
CA GLN B 181 -4.48 -16.98 -27.72
C GLN B 181 -3.88 -16.54 -26.39
N ALA B 182 -2.79 -15.80 -26.49
CA ALA B 182 -2.20 -15.13 -25.35
C ALA B 182 -1.70 -13.78 -25.82
N SER B 183 -1.13 -13.02 -24.89
CA SER B 183 -0.67 -11.67 -25.17
C SER B 183 0.85 -11.62 -25.13
N LEU B 184 1.46 -11.09 -26.18
CA LEU B 184 2.90 -10.90 -26.28
C LEU B 184 3.16 -9.40 -26.44
N ASN B 185 3.71 -8.77 -25.40
CA ASN B 185 3.92 -7.32 -25.40
C ASN B 185 2.70 -6.56 -25.89
N GLY B 186 1.54 -6.90 -25.34
CA GLY B 186 0.32 -6.21 -25.69
C GLY B 186 -0.29 -6.62 -27.02
N VAL B 187 0.33 -7.57 -27.73
CA VAL B 187 -0.17 -8.06 -29.00
C VAL B 187 -0.82 -9.41 -28.73
N THR B 188 -2.11 -9.52 -29.00
CA THR B 188 -2.80 -10.78 -28.81
C THR B 188 -2.60 -11.64 -30.05
N LEU B 189 -2.24 -12.92 -29.82
CA LEU B 189 -1.95 -13.80 -30.95
C LEU B 189 -2.11 -15.25 -30.55
N ILE B 190 -2.24 -16.08 -31.58
CA ILE B 190 -2.23 -17.53 -31.46
C ILE B 190 -0.85 -17.99 -31.89
N GLY B 191 -0.07 -18.52 -30.96
CA GLY B 191 1.32 -18.82 -31.25
C GLY B 191 1.46 -20.08 -32.08
N GLU B 192 2.34 -20.02 -33.07
CA GLU B 192 2.82 -21.21 -33.75
C GLU B 192 4.30 -21.45 -33.48
N ALA B 193 5.12 -20.40 -33.61
CA ALA B 193 6.53 -20.51 -33.26
C ALA B 193 6.74 -20.44 -31.74
N VAL B 194 5.73 -19.98 -31.00
CA VAL B 194 5.78 -19.98 -29.54
C VAL B 194 4.42 -20.44 -29.06
N LYS B 195 4.40 -20.99 -27.87
CA LYS B 195 3.19 -21.60 -27.35
C LYS B 195 2.38 -20.54 -26.60
N THR B 196 1.10 -20.44 -26.95
CA THR B 196 0.16 -19.54 -26.30
C THR B 196 -1.05 -20.23 -25.72
N GLN B 197 -1.20 -21.53 -25.95
CA GLN B 197 -2.27 -22.32 -25.35
CA GLN B 197 -2.26 -22.35 -25.37
C GLN B 197 -1.74 -22.95 -24.06
N PHE B 198 -2.35 -22.58 -22.95
CA PHE B 198 -1.94 -23.07 -21.64
C PHE B 198 -2.99 -23.97 -21.02
N ASN B 199 -2.53 -24.91 -20.20
CA ASN B 199 -3.39 -25.52 -19.19
C ASN B 199 -3.51 -24.58 -18.00
N TYR B 200 -4.69 -24.55 -17.39
CA TYR B 200 -4.98 -23.69 -16.25
C TYR B 200 -5.35 -24.58 -15.07
N TYR B 201 -4.91 -24.15 -13.88
CA TYR B 201 -5.20 -24.83 -12.63
C TYR B 201 -5.43 -23.76 -11.56
N LYS B 202 -6.24 -24.09 -10.55
CA LYS B 202 -6.62 -23.11 -9.55
C LYS B 202 -6.77 -23.77 -8.19
N LYS B 203 -6.38 -23.04 -7.15
CA LYS B 203 -6.52 -23.45 -5.77
C LYS B 203 -7.20 -22.35 -5.00
N VAL B 204 -8.14 -22.76 -4.16
CA VAL B 204 -8.86 -21.89 -3.25
C VAL B 204 -8.78 -22.51 -1.87
N ASP B 205 -8.23 -21.77 -0.90
CA ASP B 205 -8.10 -22.23 0.48
C ASP B 205 -7.46 -23.61 0.56
N GLY B 206 -6.37 -23.79 -0.18
CA GLY B 206 -5.62 -25.01 -0.12
C GLY B 206 -6.20 -26.17 -0.89
N VAL B 207 -7.31 -25.98 -1.60
CA VAL B 207 -8.01 -27.04 -2.31
C VAL B 207 -7.99 -26.74 -3.80
N VAL B 208 -7.48 -27.67 -4.59
CA VAL B 208 -7.58 -27.52 -6.03
C VAL B 208 -9.05 -27.45 -6.39
N GLN B 209 -9.40 -26.48 -7.22
CA GLN B 209 -10.74 -26.32 -7.74
C GLN B 209 -10.83 -26.79 -9.17
N GLN B 210 -11.90 -27.49 -9.48
CA GLN B 210 -12.30 -27.72 -10.85
C GLN B 210 -12.71 -26.41 -11.49
N LEU B 211 -12.06 -26.05 -12.58
CA LEU B 211 -12.50 -24.91 -13.35
C LEU B 211 -13.68 -25.31 -14.22
N PRO B 212 -14.60 -24.38 -14.49
CA PRO B 212 -15.81 -24.72 -15.25
C PRO B 212 -15.51 -24.88 -16.72
N GLU B 213 -16.29 -25.75 -17.36
CA GLU B 213 -16.37 -25.76 -18.81
C GLU B 213 -16.72 -24.36 -19.28
N THR B 214 -16.06 -23.90 -20.33
CA THR B 214 -16.17 -22.50 -20.68
C THR B 214 -15.93 -22.34 -22.17
N TYR B 215 -16.60 -21.34 -22.75
CA TYR B 215 -16.19 -20.73 -24.01
C TYR B 215 -15.13 -19.68 -23.75
N PHE B 216 -14.46 -19.26 -24.82
CA PHE B 216 -13.52 -18.15 -24.73
C PHE B 216 -13.87 -17.14 -25.80
N THR B 217 -13.74 -15.86 -25.46
CA THR B 217 -13.83 -14.79 -26.46
C THR B 217 -12.58 -14.77 -27.32
N GLN B 218 -12.69 -14.09 -28.47
CA GLN B 218 -11.66 -14.12 -29.50
C GLN B 218 -10.72 -12.92 -29.49
N SER B 219 -11.04 -11.86 -28.74
CA SER B 219 -10.12 -10.73 -28.54
C SER B 219 -9.82 -9.98 -29.84
N ARG B 220 -10.83 -9.82 -30.69
CA ARG B 220 -10.71 -9.02 -31.90
C ARG B 220 -11.23 -7.61 -31.66
N ASN B 221 -10.96 -6.72 -32.62
CA ASN B 221 -11.47 -5.37 -32.56
C ASN B 221 -12.32 -5.06 -33.79
N LEU B 222 -13.08 -3.97 -33.70
CA LEU B 222 -14.08 -3.66 -34.71
C LEU B 222 -13.46 -3.36 -36.05
N GLN B 223 -12.38 -2.57 -36.07
CA GLN B 223 -11.81 -2.13 -37.34
C GLN B 223 -11.12 -3.29 -38.06
N GLU B 224 -10.10 -3.86 -37.43
CA GLU B 224 -9.34 -4.95 -38.06
C GLU B 224 -10.00 -6.30 -37.89
N PHE B 225 -11.34 -6.34 -37.89
CA PHE B 225 -12.05 -7.59 -37.68
C PHE B 225 -11.78 -8.58 -38.80
N LYS B 226 -11.51 -9.84 -38.43
CA LYS B 226 -11.19 -10.90 -39.36
C LYS B 226 -11.91 -12.17 -38.90
N PRO B 227 -12.70 -12.82 -39.75
CA PRO B 227 -13.43 -14.03 -39.33
C PRO B 227 -12.55 -15.27 -39.23
N ARG B 228 -12.98 -16.22 -38.38
CA ARG B 228 -12.16 -17.38 -38.03
C ARG B 228 -12.86 -18.72 -38.28
N SER B 229 -13.99 -18.74 -38.98
CA SER B 229 -14.64 -19.98 -39.37
C SER B 229 -15.42 -19.73 -40.64
N GLN B 230 -15.83 -20.83 -41.29
CA GLN B 230 -16.65 -20.67 -42.50
C GLN B 230 -17.96 -19.97 -42.17
N MET B 231 -18.58 -20.32 -41.04
CA MET B 231 -19.83 -19.69 -40.68
C MET B 231 -19.69 -18.18 -40.56
N GLU B 232 -18.58 -17.71 -39.99
CA GLU B 232 -18.44 -16.26 -39.81
C GLU B 232 -18.30 -15.55 -41.15
N ILE B 233 -17.65 -16.18 -42.13
CA ILE B 233 -17.53 -15.59 -43.46
C ILE B 233 -18.92 -15.38 -44.06
N ASP B 234 -19.78 -16.39 -43.93
CA ASP B 234 -21.14 -16.26 -44.46
C ASP B 234 -21.87 -15.10 -43.83
N PHE B 235 -21.69 -14.90 -42.53
CA PHE B 235 -22.43 -13.85 -41.82
C PHE B 235 -22.09 -12.48 -42.37
N LEU B 236 -20.82 -12.25 -42.70
CA LEU B 236 -20.37 -10.96 -43.20
C LEU B 236 -20.59 -10.78 -44.70
N GLU B 237 -20.90 -11.85 -45.42
CA GLU B 237 -21.07 -11.75 -46.87
C GLU B 237 -22.49 -12.02 -47.34
N LEU B 238 -23.32 -12.69 -46.54
CA LEU B 238 -24.70 -13.01 -46.90
C LEU B 238 -25.71 -12.06 -46.28
N ALA B 239 -26.90 -12.05 -46.87
CA ALA B 239 -28.05 -11.37 -46.32
C ALA B 239 -28.59 -12.13 -45.11
N MET B 240 -29.39 -11.42 -44.30
CA MET B 240 -29.96 -12.01 -43.10
C MET B 240 -30.70 -13.31 -43.42
N ASP B 241 -31.62 -13.26 -44.39
CA ASP B 241 -32.48 -14.41 -44.66
C ASP B 241 -31.70 -15.56 -45.29
N GLU B 242 -30.74 -15.25 -46.17
CA GLU B 242 -29.96 -16.30 -46.80
C GLU B 242 -29.04 -16.99 -45.79
N PHE B 243 -28.46 -16.23 -44.87
CA PHE B 243 -27.62 -16.83 -43.83
C PHE B 243 -28.45 -17.69 -42.89
N ILE B 244 -29.57 -17.17 -42.39
CA ILE B 244 -30.42 -17.93 -41.48
C ILE B 244 -30.87 -19.23 -42.13
N GLU B 245 -31.20 -19.18 -43.42
CA GLU B 245 -31.66 -20.38 -44.11
C GLU B 245 -30.54 -21.39 -44.29
N ARG B 246 -29.33 -20.93 -44.65
CA ARG B 246 -28.23 -21.85 -44.88
C ARG B 246 -27.88 -22.62 -43.60
N TYR B 247 -27.87 -21.94 -42.46
CA TYR B 247 -27.56 -22.56 -41.18
C TYR B 247 -28.81 -22.86 -40.38
N LYS B 248 -29.97 -22.75 -41.02
CA LYS B 248 -31.21 -23.30 -40.50
C LYS B 248 -31.56 -22.71 -39.13
N LEU B 249 -31.58 -21.36 -39.09
CA LEU B 249 -31.77 -20.61 -37.86
C LEU B 249 -33.15 -19.97 -37.77
N GLU B 250 -34.11 -20.45 -38.58
CA GLU B 250 -35.49 -20.01 -38.45
C GLU B 250 -36.05 -20.43 -37.10
N GLY B 251 -37.01 -19.64 -36.59
CA GLY B 251 -37.67 -19.91 -35.34
C GLY B 251 -36.95 -19.40 -34.13
N TYR B 252 -35.66 -19.12 -34.26
CA TYR B 252 -34.89 -18.49 -33.20
C TYR B 252 -35.01 -16.98 -33.34
N ALA B 253 -34.97 -16.28 -32.21
CA ALA B 253 -34.85 -14.83 -32.25
C ALA B 253 -33.40 -14.45 -32.55
N PHE B 254 -32.71 -15.31 -33.30
CA PHE B 254 -31.36 -15.02 -33.75
C PHE B 254 -31.33 -13.76 -34.62
N GLU B 255 -32.41 -13.52 -35.37
CA GLU B 255 -32.48 -12.40 -36.30
C GLU B 255 -31.95 -11.11 -35.67
N ALA B 256 -32.21 -10.92 -34.38
CA ALA B 256 -31.74 -9.74 -33.64
C ALA B 256 -30.48 -10.10 -32.85
N ILE B 257 -29.32 -9.70 -33.37
CA ILE B 257 -28.04 -9.92 -32.71
C ILE B 257 -27.03 -8.95 -33.31
N LEU B 270 -26.29 -5.90 -31.21
CA LEU B 270 -25.98 -5.18 -29.98
C LEU B 270 -24.90 -5.86 -29.16
N HIS B 271 -25.00 -7.19 -29.02
CA HIS B 271 -24.13 -7.89 -28.09
C HIS B 271 -22.98 -8.62 -28.77
N LEU B 272 -23.06 -8.88 -30.08
CA LEU B 272 -22.00 -9.62 -30.77
C LEU B 272 -21.11 -8.69 -31.55
N LEU B 273 -19.80 -8.83 -31.36
CA LEU B 273 -18.86 -8.00 -32.10
C LEU B 273 -18.96 -8.24 -33.60
N ILE B 274 -19.22 -9.49 -34.00
CA ILE B 274 -19.29 -9.75 -35.44
C ILE B 274 -20.47 -9.00 -36.06
N GLY B 275 -21.58 -8.87 -35.32
CA GLY B 275 -22.68 -8.05 -35.78
C GLY B 275 -22.24 -6.62 -36.05
N LEU B 276 -21.46 -6.05 -35.13
CA LEU B 276 -20.96 -4.69 -35.31
C LEU B 276 -20.00 -4.57 -36.49
N ALA B 277 -19.20 -5.59 -36.75
CA ALA B 277 -18.31 -5.52 -37.91
C ALA B 277 -19.12 -5.40 -39.19
N LYS B 278 -20.20 -6.17 -39.30
CA LYS B 278 -21.10 -6.08 -40.44
C LYS B 278 -21.72 -4.69 -40.55
N ARG B 279 -22.29 -4.19 -39.45
CA ARG B 279 -22.89 -2.87 -39.42
C ARG B 279 -21.88 -1.79 -39.80
N PHE B 280 -20.66 -1.86 -39.24
CA PHE B 280 -19.64 -0.85 -39.51
C PHE B 280 -19.24 -0.86 -40.97
N LYS B 281 -19.21 -2.06 -41.58
CA LYS B 281 -18.95 -2.18 -43.01
C LYS B 281 -20.05 -1.51 -43.86
N GLU B 282 -21.30 -1.53 -43.39
CA GLU B 282 -22.39 -0.92 -44.14
C GLU B 282 -22.42 0.59 -43.94
N SER B 283 -22.57 1.03 -42.69
CA SER B 283 -22.65 2.45 -42.36
C SER B 283 -21.70 2.67 -41.18
N PRO B 284 -20.57 3.35 -41.39
CA PRO B 284 -19.58 3.46 -40.32
C PRO B 284 -20.14 4.27 -39.15
N PHE B 285 -19.48 4.12 -38.02
CA PHE B 285 -19.91 4.79 -36.80
C PHE B 285 -18.73 4.90 -35.85
N GLU B 286 -18.98 5.61 -34.77
CA GLU B 286 -17.95 6.01 -33.80
C GLU B 286 -18.21 5.20 -32.53
N LEU B 287 -17.15 4.62 -31.96
CA LEU B 287 -17.25 3.82 -30.73
C LEU B 287 -16.33 4.38 -29.66
N GLU B 288 -16.89 5.11 -28.69
CA GLU B 288 -16.13 5.55 -27.54
C GLU B 288 -16.01 4.39 -26.55
N ASP B 289 -14.76 4.01 -26.26
CA ASP B 289 -14.44 3.01 -25.25
C ASP B 289 -14.22 3.75 -23.94
N PHE B 290 -15.31 4.03 -23.24
CA PHE B 290 -15.23 4.99 -22.14
C PHE B 290 -14.77 4.36 -20.83
N ILE B 291 -14.55 3.05 -20.79
CA ILE B 291 -13.84 2.41 -19.70
C ILE B 291 -12.72 1.60 -20.31
N PRO B 292 -11.59 2.20 -20.69
CA PRO B 292 -10.54 1.42 -21.35
C PRO B 292 -9.90 0.40 -20.43
N MET B 293 -10.29 -0.87 -20.57
CA MET B 293 -9.71 -1.98 -19.83
C MET B 293 -10.06 -3.26 -20.57
N ASP B 294 -9.31 -4.31 -20.27
CA ASP B 294 -9.59 -5.63 -20.84
C ASP B 294 -10.73 -6.28 -20.08
N SER B 295 -11.76 -6.70 -20.80
CA SER B 295 -12.78 -7.48 -20.11
C SER B 295 -13.61 -8.25 -21.11
N THR B 296 -14.23 -9.31 -20.59
CA THR B 296 -14.98 -10.23 -21.43
C THR B 296 -16.12 -9.51 -22.13
N VAL B 297 -16.88 -8.72 -21.39
CA VAL B 297 -17.96 -7.89 -21.92
C VAL B 297 -17.51 -6.43 -21.88
N LYS B 298 -17.56 -5.77 -23.03
CA LYS B 298 -17.19 -4.38 -23.18
C LYS B 298 -18.42 -3.50 -23.38
N ASN B 299 -18.35 -2.28 -22.84
CA ASN B 299 -19.39 -1.27 -23.05
C ASN B 299 -18.84 -0.15 -23.92
N TYR B 300 -19.59 0.21 -24.96
CA TYR B 300 -19.21 1.30 -25.85
C TYR B 300 -20.34 2.30 -25.98
N PHE B 301 -19.97 3.58 -26.02
CA PHE B 301 -20.88 4.67 -26.37
C PHE B 301 -20.75 4.91 -27.87
N ILE B 302 -21.85 4.79 -28.61
CA ILE B 302 -21.84 4.81 -30.07
C ILE B 302 -22.54 6.06 -30.59
N THR B 303 -21.99 6.64 -31.66
CA THR B 303 -22.61 7.75 -32.36
C THR B 303 -22.63 7.41 -33.86
N ASP B 304 -23.82 7.21 -34.43
CA ASP B 304 -23.97 6.89 -35.84
C ASP B 304 -24.48 8.10 -36.60
N ALA B 305 -23.71 8.58 -37.59
CA ALA B 305 -24.13 9.75 -38.34
C ALA B 305 -25.39 9.46 -39.18
N GLN B 306 -25.53 8.22 -39.67
CA GLN B 306 -26.68 7.87 -40.49
C GLN B 306 -27.98 7.95 -39.69
N THR B 307 -27.96 7.47 -38.44
CA THR B 307 -29.17 7.32 -37.66
C THR B 307 -29.36 8.40 -36.61
N GLY B 308 -28.31 9.11 -36.21
CA GLY B 308 -28.46 10.02 -35.10
C GLY B 308 -28.38 9.36 -33.73
N SER B 309 -28.03 8.08 -33.66
CA SER B 309 -27.91 7.42 -32.37
C SER B 309 -26.73 7.97 -31.57
N SER B 310 -26.93 8.06 -30.23
CA SER B 310 -25.99 8.60 -29.24
C SER B 310 -26.33 7.95 -27.89
N LYS B 311 -25.84 6.72 -27.68
CA LYS B 311 -26.15 6.01 -26.45
C LYS B 311 -25.16 4.89 -26.19
N CYS B 312 -25.11 4.45 -24.94
CA CYS B 312 -24.34 3.28 -24.54
C CYS B 312 -24.85 2.06 -25.30
N VAL B 313 -24.04 1.49 -26.19
CA VAL B 313 -24.37 0.18 -26.76
C VAL B 313 -24.38 -0.82 -25.64
N CYS B 314 -23.53 -0.59 -24.63
CA CYS B 314 -23.46 -1.41 -23.45
C CYS B 314 -22.92 -2.77 -23.84
N SER B 315 -23.57 -3.88 -23.50
CA SER B 315 -22.87 -5.16 -23.54
C SER B 315 -22.49 -5.56 -24.96
N VAL B 316 -21.19 -5.79 -25.16
CA VAL B 316 -20.61 -6.28 -26.40
C VAL B 316 -19.64 -7.41 -26.07
N ILE B 317 -19.77 -8.53 -26.76
CA ILE B 317 -18.92 -9.69 -26.55
C ILE B 317 -18.48 -10.24 -27.90
N ASP B 318 -17.23 -10.68 -27.97
CA ASP B 318 -16.66 -11.26 -29.18
C ASP B 318 -16.56 -12.77 -29.02
N LEU B 319 -17.66 -13.45 -29.24
CA LEU B 319 -17.67 -14.90 -29.34
C LEU B 319 -17.53 -15.30 -30.80
N LEU B 320 -16.82 -16.38 -31.03
CA LEU B 320 -16.89 -17.04 -32.33
C LEU B 320 -18.36 -17.32 -32.65
N LEU B 321 -18.80 -16.96 -33.85
CA LEU B 321 -20.20 -17.13 -34.19
C LEU B 321 -20.64 -18.59 -34.03
N ASP B 322 -19.80 -19.55 -34.45
CA ASP B 322 -20.13 -20.95 -34.23
C ASP B 322 -20.46 -21.22 -32.76
N ASP B 323 -19.66 -20.65 -31.85
CA ASP B 323 -19.91 -20.85 -30.42
C ASP B 323 -21.23 -20.23 -30.01
N PHE B 324 -21.52 -19.02 -30.49
CA PHE B 324 -22.79 -18.38 -30.13
C PHE B 324 -23.97 -19.20 -30.64
N VAL B 325 -23.87 -19.73 -31.86
CA VAL B 325 -24.92 -20.59 -32.38
C VAL B 325 -25.14 -21.80 -31.47
N GLU B 326 -24.04 -22.47 -31.08
CA GLU B 326 -24.15 -23.65 -30.23
C GLU B 326 -24.93 -23.31 -28.96
N ILE B 327 -24.71 -22.12 -28.43
CA ILE B 327 -25.37 -21.72 -27.19
C ILE B 327 -26.88 -21.65 -27.39
N ILE B 328 -27.32 -20.98 -28.45
CA ILE B 328 -28.75 -20.76 -28.64
C ILE B 328 -29.47 -22.07 -28.92
N LYS B 329 -28.80 -22.99 -29.62
CA LYS B 329 -29.40 -24.29 -29.90
C LYS B 329 -29.60 -25.11 -28.63
N SER B 330 -29.13 -24.61 -27.50
CA SER B 330 -29.29 -25.25 -26.21
C SER B 330 -30.40 -24.52 -25.45
N VAL B 340 -30.80 -17.13 -19.52
CA VAL B 340 -29.74 -18.06 -19.87
C VAL B 340 -28.35 -17.62 -19.39
N LYS B 341 -27.70 -18.55 -18.69
CA LYS B 341 -26.36 -18.35 -18.13
C LYS B 341 -25.35 -19.16 -18.94
N VAL B 342 -24.23 -18.51 -19.29
CA VAL B 342 -23.16 -19.14 -20.06
C VAL B 342 -21.83 -18.73 -19.48
N THR B 343 -20.94 -19.70 -19.29
CA THR B 343 -19.61 -19.45 -18.78
C THR B 343 -18.68 -19.10 -19.95
N ILE B 344 -18.11 -17.91 -19.89
CA ILE B 344 -17.23 -17.39 -20.93
C ILE B 344 -16.00 -16.82 -20.25
N ASP B 345 -14.83 -17.19 -20.74
CA ASP B 345 -13.58 -16.75 -20.13
C ASP B 345 -13.56 -17.06 -18.64
N TYR B 346 -14.17 -18.19 -18.26
CA TYR B 346 -14.24 -18.70 -16.88
C TYR B 346 -15.14 -17.88 -15.96
N THR B 347 -15.96 -16.99 -16.49
CA THR B 347 -16.90 -16.22 -15.69
C THR B 347 -18.31 -16.44 -16.19
N GLU B 348 -19.27 -16.38 -15.27
CA GLU B 348 -20.66 -16.68 -15.60
C GLU B 348 -21.31 -15.45 -16.22
N ILE B 349 -21.72 -15.57 -17.48
CA ILE B 349 -22.40 -14.51 -18.22
C ILE B 349 -23.88 -14.86 -18.40
N SER B 350 -24.75 -13.88 -18.19
CA SER B 350 -26.18 -14.02 -18.48
C SER B 350 -26.51 -13.27 -19.77
N PHE B 351 -27.04 -14.00 -20.75
CA PHE B 351 -27.37 -13.40 -22.04
C PHE B 351 -28.87 -13.37 -22.30
C TRS C . -3.11 19.61 6.94
C1 TRS C . -2.41 19.89 8.28
C2 TRS C . -3.97 20.78 6.48
C3 TRS C . -4.04 18.38 7.10
N TRS C . -2.06 19.35 5.85
O1 TRS C . -1.05 20.10 8.10
O2 TRS C . -4.47 20.55 5.18
O3 TRS C . -3.44 17.34 6.34
CL CL D . -12.65 -0.42 27.85
CL CL E . 15.32 -5.49 28.13
C TRS F . 4.31 4.18 -22.30
C1 TRS F . 3.61 3.54 -23.51
C2 TRS F . 5.63 4.82 -22.74
C3 TRS F . 4.59 3.14 -21.19
N TRS F . 3.40 5.26 -21.70
O1 TRS F . 2.45 4.26 -23.80
O2 TRS F . 5.98 5.92 -21.92
O3 TRS F . 3.72 3.42 -20.10
#